data_5HBY
# 
_entry.id   5HBY 
# 
_audit_conform.dict_name       mmcif_pdbx.dic 
_audit_conform.dict_version    5.387 
_audit_conform.dict_location   http://mmcif.pdb.org/dictionaries/ascii/mmcif_pdbx.dic 
# 
loop_
_database_2.database_id 
_database_2.database_code 
_database_2.pdbx_database_accession 
_database_2.pdbx_DOI 
PDB   5HBY         pdb_00005hby 10.2210/pdb5hby/pdb 
WWPDB D_1000216806 ?            ?                   
# 
loop_
_pdbx_audit_revision_history.ordinal 
_pdbx_audit_revision_history.data_content_type 
_pdbx_audit_revision_history.major_revision 
_pdbx_audit_revision_history.minor_revision 
_pdbx_audit_revision_history.revision_date 
1 'Structure model' 1 0 2016-12-07 
2 'Structure model' 1 1 2017-01-18 
3 'Structure model' 1 2 2019-11-20 
4 'Structure model' 1 3 2024-03-06 
# 
_pdbx_audit_revision_details.ordinal             1 
_pdbx_audit_revision_details.revision_ordinal    1 
_pdbx_audit_revision_details.data_content_type   'Structure model' 
_pdbx_audit_revision_details.provider            repository 
_pdbx_audit_revision_details.type                'Initial release' 
_pdbx_audit_revision_details.description         ? 
_pdbx_audit_revision_details.details             ? 
# 
loop_
_pdbx_audit_revision_group.ordinal 
_pdbx_audit_revision_group.revision_ordinal 
_pdbx_audit_revision_group.data_content_type 
_pdbx_audit_revision_group.group 
1 2 'Structure model' 'Database references'        
2 3 'Structure model' 'Author supporting evidence' 
3 4 'Structure model' 'Data collection'            
4 4 'Structure model' 'Database references'        
5 4 'Structure model' 'Derived calculations'       
# 
loop_
_pdbx_audit_revision_category.ordinal 
_pdbx_audit_revision_category.revision_ordinal 
_pdbx_audit_revision_category.data_content_type 
_pdbx_audit_revision_category.category 
1 3 'Structure model' pdbx_audit_support     
2 4 'Structure model' chem_comp_atom         
3 4 'Structure model' chem_comp_bond         
4 4 'Structure model' database_2             
5 4 'Structure model' pdbx_struct_conn_angle 
6 4 'Structure model' struct_conn            
# 
loop_
_pdbx_audit_revision_item.ordinal 
_pdbx_audit_revision_item.revision_ordinal 
_pdbx_audit_revision_item.data_content_type 
_pdbx_audit_revision_item.item 
1  3 'Structure model' '_pdbx_audit_support.funding_organization'  
2  4 'Structure model' '_database_2.pdbx_DOI'                      
3  4 'Structure model' '_database_2.pdbx_database_accession'       
4  4 'Structure model' '_pdbx_struct_conn_angle.ptnr1_auth_seq_id' 
5  4 'Structure model' '_pdbx_struct_conn_angle.ptnr1_symmetry'    
6  4 'Structure model' '_pdbx_struct_conn_angle.ptnr3_auth_seq_id' 
7  4 'Structure model' '_pdbx_struct_conn_angle.ptnr3_symmetry'    
8  4 'Structure model' '_pdbx_struct_conn_angle.value'             
9  4 'Structure model' '_struct_conn.pdbx_dist_value'              
10 4 'Structure model' '_struct_conn.ptnr2_auth_seq_id'            
11 4 'Structure model' '_struct_conn.ptnr2_symmetry'               
# 
_pdbx_database_status.status_code                     REL 
_pdbx_database_status.status_code_sf                  REL 
_pdbx_database_status.status_code_mr                  ? 
_pdbx_database_status.entry_id                        5HBY 
_pdbx_database_status.recvd_initial_deposition_date   2016-01-03 
_pdbx_database_status.SG_entry                        N 
_pdbx_database_status.deposit_site                    RCSB 
_pdbx_database_status.process_site                    RCSB 
_pdbx_database_status.status_code_cs                  ? 
_pdbx_database_status.methods_development_category    ? 
_pdbx_database_status.pdb_format_compatible           Y 
_pdbx_database_status.status_code_nmr_data            ? 
# 
loop_
_pdbx_database_related.content_type 
_pdbx_database_related.db_id 
_pdbx_database_related.db_name 
_pdbx_database_related.details 
unspecified 5HBW PDB . 
unspecified 5HBX PDB . 
# 
loop_
_audit_author.name 
_audit_author.pdbx_ordinal 
'Zhang, W.'     1 
'Tam, C.P.'     2 
'Wang, J.'      3 
'Szostak, J.W.' 4 
# 
_citation.abstract                  ? 
_citation.abstract_id_CAS           ? 
_citation.book_id_ISBN              ? 
_citation.book_publisher            ? 
_citation.book_publisher_city       ? 
_citation.book_title                ? 
_citation.coordinate_linkage        ? 
_citation.country                   US 
_citation.database_id_Medline       ? 
_citation.details                   ? 
_citation.id                        primary 
_citation.journal_abbrev            'ACS Cent Sci' 
_citation.journal_id_ASTM           ? 
_citation.journal_id_CSD            ? 
_citation.journal_id_ISSN           2374-7943 
_citation.journal_full              ? 
_citation.journal_issue             ? 
_citation.journal_volume            2 
_citation.language                  ? 
_citation.page_first                916 
_citation.page_last                 926 
_citation.title                     'Unusual Base-Pairing Interactions in Monomer-Template Complexes.' 
_citation.year                      2016 
_citation.database_id_CSD           ? 
_citation.pdbx_database_id_DOI      10.1021/acscentsci.6b00278 
_citation.pdbx_database_id_PubMed   28058281 
_citation.unpublished_flag          ? 
# 
loop_
_citation_author.citation_id 
_citation_author.name 
_citation_author.ordinal 
_citation_author.identifier_ORCID 
primary 'Zhang, W.'     1 ? 
primary 'Tam, C.P.'     2 ? 
primary 'Wang, J.'      3 ? 
primary 'Szostak, J.W.' 4 ? 
# 
loop_
_entity.id 
_entity.type 
_entity.src_method 
_entity.pdbx_description 
_entity.formula_weight 
_entity.pdbx_number_of_molecules 
_entity.pdbx_ec 
_entity.pdbx_mutation 
_entity.pdbx_fragment 
_entity.details 
1 polymer     syn 
;RNA (5'-R(*(LCC)P*(LCC)P*(LCC)P*(LCG)P*AP*CP*UP*UP*AP*AP*GP*UP*C)-3')
;
4167.598 1  ? ? ? ? 
2 non-polymer syn 
;[(2~{R},3~{S},4~{R},5~{R})-5-(2-azanyl-6-oxidanylidene-1~{H}-purin-9-yl)-3,4-bis(oxidanyl)oxolan-2-yl]methoxy-(3-methyl-1~{H}-pyrazol-4-yl)phosphinic acid
;
427.309  2  ? ? ? ? 
3 non-polymer syn 'MAGNESIUM ION' 24.305   1  ? ? ? ? 
4 water       nat water 18.015   67 ? ? ? ? 
# 
_entity_poly.entity_id                      1 
_entity_poly.type                           polyribonucleotide 
_entity_poly.nstd_linkage                   no 
_entity_poly.nstd_monomer                   yes 
_entity_poly.pdbx_seq_one_letter_code       '(LCC)(LCC)(LCC)(LCG)ACUUAAGUC' 
_entity_poly.pdbx_seq_one_letter_code_can   NNNGACUUAAGUC 
_entity_poly.pdbx_strand_id                 A 
_entity_poly.pdbx_target_identifier         ? 
# 
loop_
_pdbx_entity_nonpoly.entity_id 
_pdbx_entity_nonpoly.name 
_pdbx_entity_nonpoly.comp_id 
2 
;[(2~{R},3~{S},4~{R},5~{R})-5-(2-azanyl-6-oxidanylidene-1~{H}-purin-9-yl)-3,4-bis(oxidanyl)oxolan-2-yl]methoxy-(3-methyl-1~{H}-pyrazol-4-yl)phosphinic acid
;
PZG 
3 'MAGNESIUM ION' MG  
4 water HOH 
# 
loop_
_entity_poly_seq.entity_id 
_entity_poly_seq.num 
_entity_poly_seq.mon_id 
_entity_poly_seq.hetero 
1 1  LCC n 
1 2  LCC n 
1 3  LCC n 
1 4  LCG n 
1 5  A   n 
1 6  C   n 
1 7  U   n 
1 8  U   n 
1 9  A   n 
1 10 A   n 
1 11 G   n 
1 12 U   n 
1 13 C   n 
# 
_pdbx_entity_src_syn.entity_id              1 
_pdbx_entity_src_syn.pdbx_src_id            1 
_pdbx_entity_src_syn.pdbx_alt_source_flag   sample 
_pdbx_entity_src_syn.pdbx_beg_seq_num       1 
_pdbx_entity_src_syn.pdbx_end_seq_num       13 
_pdbx_entity_src_syn.organism_scientific    'synthetic construct' 
_pdbx_entity_src_syn.organism_common_name   ? 
_pdbx_entity_src_syn.ncbi_taxonomy_id       32630 
_pdbx_entity_src_syn.details                ? 
# 
loop_
_chem_comp.id 
_chem_comp.type 
_chem_comp.mon_nstd_flag 
_chem_comp.name 
_chem_comp.pdbx_synonyms 
_chem_comp.formula 
_chem_comp.formula_weight 
A   'RNA linking' y "ADENOSINE-5'-MONOPHOSPHATE" ? 'C10 H14 N5 O7 P' 347.221 
C   'RNA linking' y "CYTIDINE-5'-MONOPHOSPHATE" ? 'C9 H14 N3 O8 P'  323.197 
G   'RNA linking' y "GUANOSINE-5'-MONOPHOSPHATE" ? 'C10 H14 N5 O8 P' 363.221 
HOH non-polymer   . WATER ? 'H2 O'            18.015  
LCC 'RNA linking' . 
'[(1R,3R,4R,7S)-7-HYDROXY-3-(5-METHYLCYTOSIN-1-YL)-2,5-DIOXABICYCLO[2.2.1]HEPT-1-YL]METHYL DIHYDROGEN PHOSPHATE' ? 
'C11 H16 N3 O8 P' 349.234 
LCG 'RNA linking' n '[(1R,3R,4R,7S)-7-HYDROXY-3-(GUANIN-9-YL)-2,5-DIOXABICYCLO[2.2.1]HEPT-1-YL]METHYL DIHYDROGEN PHOSPHATE' ? 
'C11 H14 N5 O8 P' 375.231 
MG  non-polymer   . 'MAGNESIUM ION' ? 'Mg 2'            24.305  
PZG 'DNA linking' n 
;[(2~{R},3~{S},4~{R},5~{R})-5-(2-azanyl-6-oxidanylidene-1~{H}-purin-9-yl)-3,4-bis(oxidanyl)oxolan-2-yl]methoxy-(3-methyl-1~{H}-pyrazol-4-yl)phosphinic acid
;
? 'C14 H18 N7 O7 P' 427.309 
U   'RNA linking' y "URIDINE-5'-MONOPHOSPHATE" ? 'C9 H13 N2 O9 P'  324.181 
# 
loop_
_pdbx_poly_seq_scheme.asym_id 
_pdbx_poly_seq_scheme.entity_id 
_pdbx_poly_seq_scheme.seq_id 
_pdbx_poly_seq_scheme.mon_id 
_pdbx_poly_seq_scheme.ndb_seq_num 
_pdbx_poly_seq_scheme.pdb_seq_num 
_pdbx_poly_seq_scheme.auth_seq_num 
_pdbx_poly_seq_scheme.pdb_mon_id 
_pdbx_poly_seq_scheme.auth_mon_id 
_pdbx_poly_seq_scheme.pdb_strand_id 
_pdbx_poly_seq_scheme.pdb_ins_code 
_pdbx_poly_seq_scheme.hetero 
A 1 1  LCC 1  1  1  LCC LCC A . n 
A 1 2  LCC 2  2  2  LCC LCC A . n 
A 1 3  LCC 3  3  3  LCC LCC A . n 
A 1 4  LCG 4  4  4  LCG LCG A . n 
A 1 5  A   5  5  5  A   A   A . n 
A 1 6  C   6  6  6  C   C   A . n 
A 1 7  U   7  7  7  U   U   A . n 
A 1 8  U   8  8  8  U   U   A . n 
A 1 9  A   9  9  9  A   A   A . n 
A 1 10 A   10 10 10 A   A   A . n 
A 1 11 G   11 11 11 G   G   A . n 
A 1 12 U   12 12 12 U   U   A . n 
A 1 13 C   13 13 13 C   C   A . n 
# 
loop_
_pdbx_nonpoly_scheme.asym_id 
_pdbx_nonpoly_scheme.entity_id 
_pdbx_nonpoly_scheme.mon_id 
_pdbx_nonpoly_scheme.ndb_seq_num 
_pdbx_nonpoly_scheme.pdb_seq_num 
_pdbx_nonpoly_scheme.auth_seq_num 
_pdbx_nonpoly_scheme.pdb_mon_id 
_pdbx_nonpoly_scheme.auth_mon_id 
_pdbx_nonpoly_scheme.pdb_strand_id 
_pdbx_nonpoly_scheme.pdb_ins_code 
B 2 PZG 1  101 1  PZG PZG A . 
C 2 PZG 1  102 2  PZG PZG A . 
D 3 MG  1  103 1  MG  MG  A . 
E 4 HOH 1  201 63 HOH HOH A . 
E 4 HOH 2  202 2  HOH HOH A . 
E 4 HOH 3  203 72 HOH HOH A . 
E 4 HOH 4  204 48 HOH HOH A . 
E 4 HOH 5  205 52 HOH HOH A . 
E 4 HOH 6  206 24 HOH HOH A . 
E 4 HOH 7  207 17 HOH HOH A . 
E 4 HOH 8  208 62 HOH HOH A . 
E 4 HOH 9  209 3  HOH HOH A . 
E 4 HOH 10 210 23 HOH HOH A . 
E 4 HOH 11 211 7  HOH HOH A . 
E 4 HOH 12 212 47 HOH HOH A . 
E 4 HOH 13 213 60 HOH HOH A . 
E 4 HOH 14 214 75 HOH HOH A . 
E 4 HOH 15 215 12 HOH HOH A . 
E 4 HOH 16 216 57 HOH HOH A . 
E 4 HOH 17 217 16 HOH HOH A . 
E 4 HOH 18 218 36 HOH HOH A . 
E 4 HOH 19 219 9  HOH HOH A . 
E 4 HOH 20 220 10 HOH HOH A . 
E 4 HOH 21 221 45 HOH HOH A . 
E 4 HOH 22 222 66 HOH HOH A . 
E 4 HOH 23 223 1  HOH HOH A . 
E 4 HOH 24 224 37 HOH HOH A . 
E 4 HOH 25 225 29 HOH HOH A . 
E 4 HOH 26 226 5  HOH HOH A . 
E 4 HOH 27 227 41 HOH HOH A . 
E 4 HOH 28 228 22 HOH HOH A . 
E 4 HOH 29 229 44 HOH HOH A . 
E 4 HOH 30 230 11 HOH HOH A . 
E 4 HOH 31 231 67 HOH HOH A . 
E 4 HOH 32 232 43 HOH HOH A . 
E 4 HOH 33 233 50 HOH HOH A . 
E 4 HOH 34 234 25 HOH HOH A . 
E 4 HOH 35 235 21 HOH HOH A . 
E 4 HOH 36 236 73 HOH HOH A . 
E 4 HOH 37 237 15 HOH HOH A . 
E 4 HOH 38 238 59 HOH HOH A . 
E 4 HOH 39 239 6  HOH HOH A . 
E 4 HOH 40 240 38 HOH HOH A . 
E 4 HOH 41 241 46 HOH HOH A . 
E 4 HOH 42 242 18 HOH HOH A . 
E 4 HOH 43 243 68 HOH HOH A . 
E 4 HOH 44 244 49 HOH HOH A . 
E 4 HOH 45 245 53 HOH HOH A . 
E 4 HOH 46 246 35 HOH HOH A . 
E 4 HOH 47 247 71 HOH HOH A . 
E 4 HOH 48 248 14 HOH HOH A . 
E 4 HOH 49 249 27 HOH HOH A . 
E 4 HOH 50 250 61 HOH HOH A . 
E 4 HOH 51 251 30 HOH HOH A . 
E 4 HOH 52 252 13 HOH HOH A . 
E 4 HOH 53 253 32 HOH HOH A . 
E 4 HOH 54 254 4  HOH HOH A . 
E 4 HOH 55 255 56 HOH HOH A . 
E 4 HOH 56 256 20 HOH HOH A . 
E 4 HOH 57 257 19 HOH HOH A . 
E 4 HOH 58 258 54 HOH HOH A . 
E 4 HOH 59 259 51 HOH HOH A . 
E 4 HOH 60 260 55 HOH HOH A . 
E 4 HOH 61 261 58 HOH HOH A . 
E 4 HOH 62 262 28 HOH HOH A . 
E 4 HOH 63 263 8  HOH HOH A . 
E 4 HOH 64 264 31 HOH HOH A . 
E 4 HOH 65 265 69 HOH HOH A . 
E 4 HOH 66 266 26 HOH HOH A . 
E 4 HOH 67 267 70 HOH HOH A . 
# 
loop_
_software.citation_id 
_software.classification 
_software.compiler_name 
_software.compiler_version 
_software.contact_author 
_software.contact_author_email 
_software.date 
_software.description 
_software.dependencies 
_software.hardware 
_software.language 
_software.location 
_software.mods 
_software.name 
_software.os 
_software.os_version 
_software.type 
_software.version 
_software.pdbx_ordinal 
? refinement       ? ? ? ? ? ? ? ? ? ? ? REFMAC   ? ? ? 5.8.0049 1 
? 'data reduction' ? ? ? ? ? ? ? ? ? ? ? HKL-2000 ? ? ? .        2 
? 'data scaling'   ? ? ? ? ? ? ? ? ? ? ? HKL-2000 ? ? ? .        3 
? phasing          ? ? ? ? ? ? ? ? ? ? ? PHASER   ? ? ? .        4 
# 
_cell.angle_alpha                  90.00 
_cell.angle_alpha_esd              ? 
_cell.angle_beta                   122.03 
_cell.angle_beta_esd               ? 
_cell.angle_gamma                  90.00 
_cell.angle_gamma_esd              ? 
_cell.entry_id                     5HBY 
_cell.details                      ? 
_cell.formula_units_Z              ? 
_cell.length_a                     45.873 
_cell.length_a_esd                 ? 
_cell.length_b                     31.987 
_cell.length_b_esd                 ? 
_cell.length_c                     33.426 
_cell.length_c_esd                 ? 
_cell.volume                       ? 
_cell.volume_esd                   ? 
_cell.Z_PDB                        4 
_cell.reciprocal_angle_alpha       ? 
_cell.reciprocal_angle_beta        ? 
_cell.reciprocal_angle_gamma       ? 
_cell.reciprocal_angle_alpha_esd   ? 
_cell.reciprocal_angle_beta_esd    ? 
_cell.reciprocal_angle_gamma_esd   ? 
_cell.reciprocal_length_a          ? 
_cell.reciprocal_length_b          ? 
_cell.reciprocal_length_c          ? 
_cell.reciprocal_length_a_esd      ? 
_cell.reciprocal_length_b_esd      ? 
_cell.reciprocal_length_c_esd      ? 
_cell.pdbx_unique_axis             ? 
# 
_symmetry.entry_id                         5HBY 
_symmetry.cell_setting                     ? 
_symmetry.Int_Tables_number                5 
_symmetry.space_group_name_Hall            ? 
_symmetry.space_group_name_H-M             'C 1 2 1' 
_symmetry.pdbx_full_space_group_name_H-M   ? 
# 
_exptl.absorpt_coefficient_mu     ? 
_exptl.absorpt_correction_T_max   ? 
_exptl.absorpt_correction_T_min   ? 
_exptl.absorpt_correction_type    ? 
_exptl.absorpt_process_details    ? 
_exptl.entry_id                   5HBY 
_exptl.crystals_number            ? 
_exptl.details                    ? 
_exptl.method                     'X-RAY DIFFRACTION' 
_exptl.method_details             ? 
# 
_exptl_crystal.colour                      ? 
_exptl_crystal.density_diffrn              ? 
_exptl_crystal.density_Matthews            2.6 
_exptl_crystal.density_method              ? 
_exptl_crystal.density_percent_sol         50.69 
_exptl_crystal.description                 'boat shape crystal' 
_exptl_crystal.F_000                       ? 
_exptl_crystal.id                          1 
_exptl_crystal.preparation                 ? 
_exptl_crystal.size_max                    ? 
_exptl_crystal.size_mid                    ? 
_exptl_crystal.size_min                    ? 
_exptl_crystal.size_rad                    ? 
_exptl_crystal.colour_lustre               ? 
_exptl_crystal.colour_modifier             ? 
_exptl_crystal.colour_primary              ? 
_exptl_crystal.density_meas                ? 
_exptl_crystal.density_meas_esd            ? 
_exptl_crystal.density_meas_gt             ? 
_exptl_crystal.density_meas_lt             ? 
_exptl_crystal.density_meas_temp           ? 
_exptl_crystal.density_meas_temp_esd       ? 
_exptl_crystal.density_meas_temp_gt        ? 
_exptl_crystal.density_meas_temp_lt        ? 
_exptl_crystal.pdbx_crystal_image_url      ? 
_exptl_crystal.pdbx_crystal_image_format   ? 
_exptl_crystal.pdbx_mosaicity              ? 
_exptl_crystal.pdbx_mosaicity_esd          ? 
# 
_exptl_crystal_grow.apparatus       ? 
_exptl_crystal_grow.atmosphere      ? 
_exptl_crystal_grow.crystal_id      1 
_exptl_crystal_grow.details         ? 
_exptl_crystal_grow.method          'VAPOR DIFFUSION, SITTING DROP' 
_exptl_crystal_grow.method_ref      ? 
_exptl_crystal_grow.pH              7.3 
_exptl_crystal_grow.pressure        ? 
_exptl_crystal_grow.pressure_esd    ? 
_exptl_crystal_grow.seeding         ? 
_exptl_crystal_grow.seeding_ref     ? 
_exptl_crystal_grow.temp            292 
_exptl_crystal_grow.temp_details    ? 
_exptl_crystal_grow.temp_esd        ? 
_exptl_crystal_grow.time            ? 
_exptl_crystal_grow.pdbx_details    'Potassium thiocyanate,magnesium chloride,30% w/v Polyethylene glycol monomethyl ether 2,000' 
_exptl_crystal_grow.pdbx_pH_range   7.3 
# 
_diffrn.ambient_environment    ? 
_diffrn.ambient_temp           100 
_diffrn.ambient_temp_details   ? 
_diffrn.ambient_temp_esd       ? 
_diffrn.crystal_id             1 
_diffrn.crystal_support        ? 
_diffrn.crystal_treatment      ? 
_diffrn.details                ? 
_diffrn.id                     1 
_diffrn.ambient_pressure       ? 
_diffrn.ambient_pressure_esd   ? 
_diffrn.ambient_pressure_gt    ? 
_diffrn.ambient_pressure_lt    ? 
_diffrn.ambient_temp_gt        ? 
_diffrn.ambient_temp_lt        ? 
# 
_diffrn_detector.details                      ? 
_diffrn_detector.detector                     CCD 
_diffrn_detector.diffrn_id                    1 
_diffrn_detector.type                         'MAR CCD 165 mm' 
_diffrn_detector.area_resol_mean              ? 
_diffrn_detector.dtime                        ? 
_diffrn_detector.pdbx_frames_total            ? 
_diffrn_detector.pdbx_collection_time_total   ? 
_diffrn_detector.pdbx_collection_date         2015-10-18 
# 
_diffrn_radiation.collimation                      ? 
_diffrn_radiation.diffrn_id                        1 
_diffrn_radiation.filter_edge                      ? 
_diffrn_radiation.inhomogeneity                    ? 
_diffrn_radiation.monochromator                    none 
_diffrn_radiation.polarisn_norm                    ? 
_diffrn_radiation.polarisn_ratio                   ? 
_diffrn_radiation.probe                            ? 
_diffrn_radiation.type                             ? 
_diffrn_radiation.xray_symbol                      ? 
_diffrn_radiation.wavelength_id                    1 
_diffrn_radiation.pdbx_monochromatic_or_laue_m_l   M 
_diffrn_radiation.pdbx_wavelength_list             ? 
_diffrn_radiation.pdbx_wavelength                  ? 
_diffrn_radiation.pdbx_diffrn_protocol             'SINGLE WAVELENGTH' 
_diffrn_radiation.pdbx_analyzer                    ? 
_diffrn_radiation.pdbx_scattering_type             x-ray 
# 
_diffrn_radiation_wavelength.id           1 
_diffrn_radiation_wavelength.wavelength   0.987 
_diffrn_radiation_wavelength.wt           1.0 
# 
_diffrn_source.current                     ? 
_diffrn_source.details                     ? 
_diffrn_source.diffrn_id                   1 
_diffrn_source.power                       ? 
_diffrn_source.size                        ? 
_diffrn_source.source                      SYNCHROTRON 
_diffrn_source.target                      ? 
_diffrn_source.type                        'ALS BEAMLINE 8.2.1' 
_diffrn_source.voltage                     ? 
_diffrn_source.take-off_angle              ? 
_diffrn_source.pdbx_wavelength_list        0.987 
_diffrn_source.pdbx_wavelength             ? 
_diffrn_source.pdbx_synchrotron_beamline   8.2.1 
_diffrn_source.pdbx_synchrotron_site       ALS 
# 
_reflns.B_iso_Wilson_estimate            ? 
_reflns.entry_id                         5HBY 
_reflns.data_reduction_details           ? 
_reflns.data_reduction_method            ? 
_reflns.d_resolution_high                1.18 
_reflns.d_resolution_low                 50 
_reflns.details                          ? 
_reflns.limit_h_max                      ? 
_reflns.limit_h_min                      ? 
_reflns.limit_k_max                      ? 
_reflns.limit_k_min                      ? 
_reflns.limit_l_max                      ? 
_reflns.limit_l_min                      ? 
_reflns.number_all                       12711 
_reflns.number_obs                       12711 
_reflns.observed_criterion               ? 
_reflns.observed_criterion_F_max         ? 
_reflns.observed_criterion_F_min         ? 
_reflns.observed_criterion_I_max         ? 
_reflns.observed_criterion_I_min         ? 
_reflns.observed_criterion_sigma_F       0.05 
_reflns.observed_criterion_sigma_I       0.05 
_reflns.percent_possible_obs             93.6 
_reflns.R_free_details                   ? 
_reflns.Rmerge_F_all                     ? 
_reflns.Rmerge_F_obs                     ? 
_reflns.Friedel_coverage                 ? 
_reflns.number_gt                        ? 
_reflns.threshold_expression             ? 
_reflns.pdbx_redundancy                  3.7 
_reflns.pdbx_Rmerge_I_obs                0.047 
_reflns.pdbx_Rmerge_I_all                ? 
_reflns.pdbx_Rsym_value                  ? 
_reflns.pdbx_netI_over_av_sigmaI         26.5 
_reflns.pdbx_netI_over_sigmaI            26.5 
_reflns.pdbx_res_netI_over_av_sigmaI_2   ? 
_reflns.pdbx_res_netI_over_sigmaI_2      ? 
_reflns.pdbx_chi_squared                 ? 
_reflns.pdbx_scaling_rejects             ? 
_reflns.pdbx_d_res_high_opt              ? 
_reflns.pdbx_d_res_low_opt               ? 
_reflns.pdbx_d_res_opt_method            ? 
_reflns.phase_calculation_details        ? 
_reflns.pdbx_Rrim_I_all                  ? 
_reflns.pdbx_Rpim_I_all                  ? 
_reflns.pdbx_d_opt                       ? 
_reflns.pdbx_number_measured_all         ? 
_reflns.pdbx_diffrn_id                   1 
_reflns.pdbx_ordinal                     1 
_reflns.pdbx_CC_half                     ? 
_reflns.pdbx_R_split                     ? 
# 
_reflns_shell.d_res_high                  1.18 
_reflns_shell.d_res_low                   1.22 
_reflns_shell.meanI_over_sigI_all         ? 
_reflns_shell.meanI_over_sigI_obs         1.8 
_reflns_shell.number_measured_all         ? 
_reflns_shell.number_measured_obs         ? 
_reflns_shell.number_possible             ? 
_reflns_shell.number_unique_all           ? 
_reflns_shell.number_unique_obs           ? 
_reflns_shell.percent_possible_all        54.2 
_reflns_shell.percent_possible_obs        ? 
_reflns_shell.Rmerge_F_all                ? 
_reflns_shell.Rmerge_F_obs                ? 
_reflns_shell.Rmerge_I_all                ? 
_reflns_shell.Rmerge_I_obs                0.248 
_reflns_shell.meanI_over_sigI_gt          ? 
_reflns_shell.meanI_over_uI_all           ? 
_reflns_shell.meanI_over_uI_gt            ? 
_reflns_shell.number_measured_gt          ? 
_reflns_shell.number_unique_gt            ? 
_reflns_shell.percent_possible_gt         ? 
_reflns_shell.Rmerge_F_gt                 ? 
_reflns_shell.Rmerge_I_gt                 ? 
_reflns_shell.pdbx_redundancy             2.0 
_reflns_shell.pdbx_Rsym_value             ? 
_reflns_shell.pdbx_chi_squared            ? 
_reflns_shell.pdbx_netI_over_sigmaI_all   ? 
_reflns_shell.pdbx_netI_over_sigmaI_obs   ? 
_reflns_shell.pdbx_Rrim_I_all             ? 
_reflns_shell.pdbx_Rpim_I_all             ? 
_reflns_shell.pdbx_rejects                ? 
_reflns_shell.pdbx_ordinal                1 
_reflns_shell.pdbx_diffrn_id              1 
_reflns_shell.pdbx_CC_half                ? 
_reflns_shell.pdbx_R_split                ? 
# 
_refine.aniso_B[1][1]                            0.00 
_refine.aniso_B[1][2]                            -0.00 
_refine.aniso_B[1][3]                            0.00 
_refine.aniso_B[2][2]                            -0.00 
_refine.aniso_B[2][3]                            0.00 
_refine.aniso_B[3][3]                            -0.00 
_refine.B_iso_max                                ? 
_refine.B_iso_mean                               13.288 
_refine.B_iso_min                                ? 
_refine.correlation_coeff_Fo_to_Fc               0.976 
_refine.correlation_coeff_Fo_to_Fc_free          0.974 
_refine.details                                  'HYDROGENS HAVE BEEN ADDED IN THE RIDING POSITIONS' 
_refine.diff_density_max                         ? 
_refine.diff_density_max_esd                     ? 
_refine.diff_density_min                         ? 
_refine.diff_density_min_esd                     ? 
_refine.diff_density_rms                         ? 
_refine.diff_density_rms_esd                     ? 
_refine.entry_id                                 5HBY 
_refine.pdbx_refine_id                           'X-RAY DIFFRACTION' 
_refine.ls_abs_structure_details                 ? 
_refine.ls_abs_structure_Flack                   ? 
_refine.ls_abs_structure_Flack_esd               ? 
_refine.ls_abs_structure_Rogers                  ? 
_refine.ls_abs_structure_Rogers_esd              ? 
_refine.ls_d_res_high                            1.18 
_refine.ls_d_res_low                             50 
_refine.ls_extinction_coef                       ? 
_refine.ls_extinction_coef_esd                   ? 
_refine.ls_extinction_expression                 ? 
_refine.ls_extinction_method                     ? 
_refine.ls_goodness_of_fit_all                   ? 
_refine.ls_goodness_of_fit_all_esd               ? 
_refine.ls_goodness_of_fit_obs                   ? 
_refine.ls_goodness_of_fit_obs_esd               ? 
_refine.ls_hydrogen_treatment                    ? 
_refine.ls_matrix_type                           ? 
_refine.ls_number_constraints                    ? 
_refine.ls_number_parameters                     ? 
_refine.ls_number_reflns_all                     ? 
_refine.ls_number_reflns_obs                     12091 
_refine.ls_number_reflns_R_free                  620 
_refine.ls_number_reflns_R_work                  ? 
_refine.ls_number_restraints                     ? 
_refine.ls_percent_reflns_obs                    93.57 
_refine.ls_percent_reflns_R_free                 4.9 
_refine.ls_R_factor_all                          ? 
_refine.ls_R_factor_obs                          0.15385 
_refine.ls_R_factor_R_free                       0.16566 
_refine.ls_R_factor_R_free_error                 ? 
_refine.ls_R_factor_R_free_error_details         ? 
_refine.ls_R_factor_R_work                       0.15321 
_refine.ls_R_Fsqd_factor_obs                     ? 
_refine.ls_R_I_factor_obs                        ? 
_refine.ls_redundancy_reflns_all                 ? 
_refine.ls_redundancy_reflns_obs                 ? 
_refine.ls_restrained_S_all                      ? 
_refine.ls_restrained_S_obs                      ? 
_refine.ls_shift_over_esd_max                    ? 
_refine.ls_shift_over_esd_mean                   ? 
_refine.ls_structure_factor_coef                 ? 
_refine.ls_weighting_details                     ? 
_refine.ls_weighting_scheme                      ? 
_refine.ls_wR_factor_all                         ? 
_refine.ls_wR_factor_obs                         ? 
_refine.ls_wR_factor_R_free                      ? 
_refine.ls_wR_factor_R_work                      ? 
_refine.occupancy_max                            ? 
_refine.occupancy_min                            ? 
_refine.solvent_model_details                    MASK 
_refine.solvent_model_param_bsol                 ? 
_refine.solvent_model_param_ksol                 ? 
_refine.ls_R_factor_gt                           ? 
_refine.ls_goodness_of_fit_gt                    ? 
_refine.ls_goodness_of_fit_ref                   ? 
_refine.ls_shift_over_su_max                     ? 
_refine.ls_shift_over_su_max_lt                  ? 
_refine.ls_shift_over_su_mean                    ? 
_refine.ls_shift_over_su_mean_lt                 ? 
_refine.pdbx_ls_sigma_I                          ? 
_refine.pdbx_ls_sigma_F                          0.05 
_refine.pdbx_ls_sigma_Fsqd                       ? 
_refine.pdbx_data_cutoff_high_absF               ? 
_refine.pdbx_data_cutoff_high_rms_absF           ? 
_refine.pdbx_data_cutoff_low_absF                ? 
_refine.pdbx_isotropic_thermal_model             ? 
_refine.pdbx_ls_cross_valid_method               THROUGHOUT 
_refine.pdbx_method_to_determine_struct          'AB INITIO PHASING' 
_refine.pdbx_starting_model                      ? 
_refine.pdbx_stereochemistry_target_values       'MAXIMUM LIKELIHOOD' 
_refine.pdbx_R_Free_selection_details            RANDOM 
_refine.pdbx_stereochem_target_val_spec_case     ? 
_refine.pdbx_overall_ESU_R                       0.037 
_refine.pdbx_overall_ESU_R_Free                  0.037 
_refine.pdbx_solvent_vdw_probe_radii             1.20 
_refine.pdbx_solvent_ion_probe_radii             0.80 
_refine.pdbx_solvent_shrinkage_radii             0.80 
_refine.pdbx_real_space_R                        ? 
_refine.pdbx_density_correlation                 ? 
_refine.pdbx_pd_number_of_powder_patterns        ? 
_refine.pdbx_pd_number_of_points                 ? 
_refine.pdbx_pd_meas_number_of_points            ? 
_refine.pdbx_pd_proc_ls_prof_R_factor            ? 
_refine.pdbx_pd_proc_ls_prof_wR_factor           ? 
_refine.pdbx_pd_Marquardt_correlation_coeff      ? 
_refine.pdbx_pd_Fsqrd_R_factor                   ? 
_refine.pdbx_pd_ls_matrix_band_width             ? 
_refine.pdbx_overall_phase_error                 ? 
_refine.pdbx_overall_SU_R_free_Cruickshank_DPI   ? 
_refine.pdbx_overall_SU_R_free_Blow_DPI          ? 
_refine.pdbx_overall_SU_R_Blow_DPI               ? 
_refine.pdbx_TLS_residual_ADP_flag               ? 
_refine.pdbx_diffrn_id                           1 
_refine.overall_SU_B                             0.571 
_refine.overall_SU_ML                            0.026 
_refine.overall_SU_R_Cruickshank_DPI             ? 
_refine.overall_SU_R_free                        ? 
_refine.overall_FOM_free_R_set                   ? 
_refine.overall_FOM_work_R_set                   ? 
_refine.pdbx_average_fsc_overall                 ? 
_refine.pdbx_average_fsc_work                    ? 
_refine.pdbx_average_fsc_free                    ? 
# 
_refine_hist.pdbx_refine_id                   'X-RAY DIFFRACTION' 
_refine_hist.cycle_id                         1 
_refine_hist.pdbx_number_atoms_protein        0 
_refine_hist.pdbx_number_atoms_nucleic_acid   276 
_refine_hist.pdbx_number_atoms_ligand         59 
_refine_hist.number_atoms_solvent             67 
_refine_hist.number_atoms_total               402 
_refine_hist.d_res_high                       1.18 
_refine_hist.d_res_low                        50 
# 
loop_
_refine_ls_restr.pdbx_refine_id 
_refine_ls_restr.criterion 
_refine_ls_restr.dev_ideal 
_refine_ls_restr.dev_ideal_target 
_refine_ls_restr.number 
_refine_ls_restr.rejects 
_refine_ls_restr.type 
_refine_ls_restr.weight 
_refine_ls_restr.pdbx_restraint_function 
'X-RAY DIFFRACTION' ? 0.035 0.018  370 ? r_bond_refined_d             ? ? 
'X-RAY DIFFRACTION' ? 0.050 0.024  170 ? r_bond_other_d               ? ? 
'X-RAY DIFFRACTION' ? 3.036 2.058  571 ? r_angle_refined_deg          ? ? 
'X-RAY DIFFRACTION' ? 3.705 3.285  406 ? r_angle_other_deg            ? ? 
'X-RAY DIFFRACTION' ? ?     ?      ?   ? r_dihedral_angle_1_deg       ? ? 
'X-RAY DIFFRACTION' ? ?     ?      ?   ? r_dihedral_angle_2_deg       ? ? 
'X-RAY DIFFRACTION' ? ?     ?      ?   ? r_dihedral_angle_3_deg       ? ? 
'X-RAY DIFFRACTION' ? ?     ?      ?   ? r_dihedral_angle_4_deg       ? ? 
'X-RAY DIFFRACTION' ? 0.709 0.200  65  ? r_chiral_restr               ? ? 
'X-RAY DIFFRACTION' ? 0.038 0.021  194 ? r_gen_planes_refined         ? ? 
'X-RAY DIFFRACTION' ? 0.006 0.022  70  ? r_gen_planes_other           ? ? 
'X-RAY DIFFRACTION' ? ?     ?      ?   ? r_nbd_refined                ? ? 
'X-RAY DIFFRACTION' ? ?     ?      ?   ? r_nbd_other                  ? ? 
'X-RAY DIFFRACTION' ? ?     ?      ?   ? r_nbtor_refined              ? ? 
'X-RAY DIFFRACTION' ? ?     ?      ?   ? r_nbtor_other                ? ? 
'X-RAY DIFFRACTION' ? ?     ?      ?   ? r_xyhbond_nbd_refined        ? ? 
'X-RAY DIFFRACTION' ? ?     ?      ?   ? r_xyhbond_nbd_other          ? ? 
'X-RAY DIFFRACTION' ? ?     ?      ?   ? r_metal_ion_refined          ? ? 
'X-RAY DIFFRACTION' ? ?     ?      ?   ? r_metal_ion_other            ? ? 
'X-RAY DIFFRACTION' ? ?     ?      ?   ? r_symmetry_vdw_refined       ? ? 
'X-RAY DIFFRACTION' ? ?     ?      ?   ? r_symmetry_vdw_other         ? ? 
'X-RAY DIFFRACTION' ? ?     ?      ?   ? r_symmetry_hbond_refined     ? ? 
'X-RAY DIFFRACTION' ? ?     ?      ?   ? r_symmetry_hbond_other       ? ? 
'X-RAY DIFFRACTION' ? ?     ?      ?   ? r_symmetry_metal_ion_refined ? ? 
'X-RAY DIFFRACTION' ? ?     ?      ?   ? r_symmetry_metal_ion_other   ? ? 
'X-RAY DIFFRACTION' ? ?     ?      ?   ? r_mcbond_it                  ? ? 
'X-RAY DIFFRACTION' ? ?     ?      ?   ? r_mcbond_other               ? ? 
'X-RAY DIFFRACTION' ? ?     ?      ?   ? r_mcangle_it                 ? ? 
'X-RAY DIFFRACTION' ? ?     ?      ?   ? r_mcangle_other              ? ? 
'X-RAY DIFFRACTION' ? 1.121 1.258  369 ? r_scbond_it                  ? ? 
'X-RAY DIFFRACTION' ? 1.121 1.260  370 ? r_scbond_other               ? ? 
'X-RAY DIFFRACTION' ? ?     ?      ?   ? r_scangle_it                 ? ? 
'X-RAY DIFFRACTION' ? 1.488 1.898  572 ? r_scangle_other              ? ? 
'X-RAY DIFFRACTION' ? 2.455 13.114 570 ? r_long_range_B_refined       ? ? 
'X-RAY DIFFRACTION' ? 2.129 12.763 538 ? r_long_range_B_other         ? ? 
'X-RAY DIFFRACTION' ? ?     ?      ?   ? r_rigid_bond_restr           ? ? 
'X-RAY DIFFRACTION' ? ?     ?      ?   ? r_sphericity_free            ? ? 
'X-RAY DIFFRACTION' ? ?     ?      ?   ? r_sphericity_bonded          ? ? 
# 
_refine_ls_shell.pdbx_refine_id                   'X-RAY DIFFRACTION' 
_refine_ls_shell.d_res_high                       1.181 
_refine_ls_shell.d_res_low                        1.211 
_refine_ls_shell.number_reflns_all                ? 
_refine_ls_shell.number_reflns_obs                ? 
_refine_ls_shell.number_reflns_R_free             29 
_refine_ls_shell.number_reflns_R_work             470 
_refine_ls_shell.percent_reflns_obs               50.10 
_refine_ls_shell.percent_reflns_R_free            ? 
_refine_ls_shell.R_factor_all                     ? 
_refine_ls_shell.R_factor_obs                     ? 
_refine_ls_shell.R_factor_R_free                  0.258 
_refine_ls_shell.R_factor_R_free_error            ? 
_refine_ls_shell.R_factor_R_work                  0.248 
_refine_ls_shell.redundancy_reflns_all            ? 
_refine_ls_shell.redundancy_reflns_obs            ? 
_refine_ls_shell.wR_factor_all                    ? 
_refine_ls_shell.wR_factor_obs                    ? 
_refine_ls_shell.wR_factor_R_free                 ? 
_refine_ls_shell.wR_factor_R_work                 ? 
_refine_ls_shell.pdbx_total_number_of_bins_used   ? 
_refine_ls_shell.pdbx_phase_error                 ? 
_refine_ls_shell.pdbx_fsc_work                    ? 
_refine_ls_shell.pdbx_fsc_free                    ? 
# 
_struct.entry_id                     5HBY 
_struct.title                        
'RNA primer-template complex with 2-methylimidazole-activated monomer analogue-3 binding sites' 
_struct.pdbx_model_details           ? 
_struct.pdbx_formula_weight          ? 
_struct.pdbx_formula_weight_method   ? 
_struct.pdbx_model_type_details      ? 
_struct.pdbx_CASP_flag               ? 
# 
_struct_keywords.entry_id        5HBY 
_struct_keywords.text            RNA 
_struct_keywords.pdbx_keywords   RNA 
# 
loop_
_struct_asym.id 
_struct_asym.pdbx_blank_PDB_chainid_flag 
_struct_asym.pdbx_modified 
_struct_asym.entity_id 
_struct_asym.details 
A N N 1 ? 
B N N 2 ? 
C N N 2 ? 
D N N 3 ? 
E N N 4 ? 
# 
_struct_ref.id                         1 
_struct_ref.db_name                    PDB 
_struct_ref.db_code                    5HBY 
_struct_ref.pdbx_db_accession          5HBY 
_struct_ref.pdbx_db_isoform            ? 
_struct_ref.entity_id                  1 
_struct_ref.pdbx_seq_one_letter_code   ? 
_struct_ref.pdbx_align_begin           1 
# 
_struct_ref_seq.align_id                      1 
_struct_ref_seq.ref_id                        1 
_struct_ref_seq.pdbx_PDB_id_code              5HBY 
_struct_ref_seq.pdbx_strand_id                A 
_struct_ref_seq.seq_align_beg                 1 
_struct_ref_seq.pdbx_seq_align_beg_ins_code   ? 
_struct_ref_seq.seq_align_end                 13 
_struct_ref_seq.pdbx_seq_align_end_ins_code   ? 
_struct_ref_seq.pdbx_db_accession             5HBY 
_struct_ref_seq.db_align_beg                  1 
_struct_ref_seq.pdbx_db_align_beg_ins_code    ? 
_struct_ref_seq.db_align_end                  13 
_struct_ref_seq.pdbx_db_align_end_ins_code    ? 
_struct_ref_seq.pdbx_auth_seq_align_beg       1 
_struct_ref_seq.pdbx_auth_seq_align_end       13 
# 
_pdbx_struct_assembly.id                   1 
_pdbx_struct_assembly.details              author_and_software_defined_assembly 
_pdbx_struct_assembly.method_details       PISA 
_pdbx_struct_assembly.oligomeric_details   dimeric 
_pdbx_struct_assembly.oligomeric_count     2 
# 
loop_
_pdbx_struct_assembly_prop.biol_id 
_pdbx_struct_assembly_prop.type 
_pdbx_struct_assembly_prop.value 
_pdbx_struct_assembly_prop.details 
1 'ABSA (A^2)' 2080 ? 
1 MORE         -5   ? 
1 'SSA (A^2)'  6480 ? 
# 
_pdbx_struct_assembly_gen.assembly_id       1 
_pdbx_struct_assembly_gen.oper_expression   1,2 
_pdbx_struct_assembly_gen.asym_id_list      A,B,C,D,E 
# 
loop_
_pdbx_struct_oper_list.id 
_pdbx_struct_oper_list.type 
_pdbx_struct_oper_list.name 
_pdbx_struct_oper_list.symmetry_operation 
_pdbx_struct_oper_list.matrix[1][1] 
_pdbx_struct_oper_list.matrix[1][2] 
_pdbx_struct_oper_list.matrix[1][3] 
_pdbx_struct_oper_list.vector[1] 
_pdbx_struct_oper_list.matrix[2][1] 
_pdbx_struct_oper_list.matrix[2][2] 
_pdbx_struct_oper_list.matrix[2][3] 
_pdbx_struct_oper_list.vector[2] 
_pdbx_struct_oper_list.matrix[3][1] 
_pdbx_struct_oper_list.matrix[3][2] 
_pdbx_struct_oper_list.matrix[3][3] 
_pdbx_struct_oper_list.vector[3] 
1 'identity operation'         1_555 x,y,z   1.0000000000 0.0000000000  0.0000000000  0.0000000000 0.0000000000  1.0000000000  0.0000000000 0.0000000000  0.0000000000  0.0000000000 1.0000000000  0.0000000000 
2 'crystal symmetry operation' 2_555 -x,y,-z 0.6484470670 -0.4955716530 -0.5778625598 4.1718523791 -0.4955716530 -0.8510165912 0.1737224747 11.7167808148 -0.5778625598 0.1737224747 -0.7974304758 1.8526436158 
# 
loop_
_struct_conn.id 
_struct_conn.conn_type_id 
_struct_conn.pdbx_leaving_atom_flag 
_struct_conn.pdbx_PDB_id 
_struct_conn.ptnr1_label_asym_id 
_struct_conn.ptnr1_label_comp_id 
_struct_conn.ptnr1_label_seq_id 
_struct_conn.ptnr1_label_atom_id 
_struct_conn.pdbx_ptnr1_label_alt_id 
_struct_conn.pdbx_ptnr1_PDB_ins_code 
_struct_conn.pdbx_ptnr1_standard_comp_id 
_struct_conn.ptnr1_symmetry 
_struct_conn.ptnr2_label_asym_id 
_struct_conn.ptnr2_label_comp_id 
_struct_conn.ptnr2_label_seq_id 
_struct_conn.ptnr2_label_atom_id 
_struct_conn.pdbx_ptnr2_label_alt_id 
_struct_conn.pdbx_ptnr2_PDB_ins_code 
_struct_conn.ptnr1_auth_asym_id 
_struct_conn.ptnr1_auth_comp_id 
_struct_conn.ptnr1_auth_seq_id 
_struct_conn.ptnr2_auth_asym_id 
_struct_conn.ptnr2_auth_comp_id 
_struct_conn.ptnr2_auth_seq_id 
_struct_conn.ptnr2_symmetry 
_struct_conn.pdbx_ptnr3_label_atom_id 
_struct_conn.pdbx_ptnr3_label_seq_id 
_struct_conn.pdbx_ptnr3_label_comp_id 
_struct_conn.pdbx_ptnr3_label_asym_id 
_struct_conn.pdbx_ptnr3_label_alt_id 
_struct_conn.pdbx_ptnr3_PDB_ins_code 
_struct_conn.details 
_struct_conn.pdbx_dist_value 
_struct_conn.pdbx_value_order 
_struct_conn.pdbx_role 
covale1  covale both ? A LCC 1  "O3'" ? ? ? 1_555 A LCC 2  P  ? ? A LCC 1   A LCC 2   1_555 ? ? ? ? ? ? ?            1.667 ? ? 
covale2  covale both ? A LCC 2  "O3'" ? ? ? 1_555 A LCC 3  P  ? ? A LCC 2   A LCC 3   1_555 ? ? ? ? ? ? ?            1.620 ? ? 
covale3  covale both ? A LCC 3  "O3'" ? ? ? 1_555 A LCG 4  P  ? ? A LCC 3   A LCG 4   1_555 ? ? ? ? ? ? ?            1.660 ? ? 
covale4  covale both ? A LCG 4  "O3'" ? ? ? 1_555 A A   5  P  ? ? A LCG 4   A A   5   1_555 ? ? ? ? ? ? ?            1.623 ? ? 
metalc1  metalc ?    ? D MG  .  MG    ? ? ? 1_555 E HOH .  O  ? ? A MG  103 A HOH 211 2_555 ? ? ? ? ? ? ?            2.083 ? ? 
metalc2  metalc ?    ? D MG  .  MG    ? ? ? 1_555 E HOH .  O  ? ? A MG  103 A HOH 219 2_555 ? ? ? ? ? ? ?            2.078 ? ? 
metalc3  metalc ?    ? D MG  .  MG    ? ? ? 1_555 E HOH .  O  ? ? A MG  103 A HOH 220 2_454 ? ? ? ? ? ? ?            2.059 ? ? 
metalc4  metalc ?    ? D MG  .  MG    ? ? ? 1_555 E HOH .  O  ? ? A MG  103 A HOH 230 2_555 ? ? ? ? ? ? ?            2.056 ? ? 
metalc5  metalc ?    ? D MG  .  MG    ? ? ? 1_555 E HOH .  O  ? ? A MG  103 A HOH 239 2_555 ? ? ? ? ? ? ?            2.002 ? ? 
metalc6  metalc ?    ? D MG  .  MG    ? ? ? 1_555 E HOH .  O  ? ? A MG  103 A HOH 263 2_454 ? ? ? ? ? ? ?            2.073 ? ? 
hydrog1  hydrog ?    ? A LCG 4  N1    ? ? ? 1_555 A C   13 N3 ? ? A LCG 4   A C   13  2_555 ? ? ? ? ? ? WATSON-CRICK ?     ? ? 
hydrog2  hydrog ?    ? A LCG 4  N2    ? ? ? 1_555 A C   13 O2 ? ? A LCG 4   A C   13  2_555 ? ? ? ? ? ? WATSON-CRICK ?     ? ? 
hydrog3  hydrog ?    ? A LCG 4  O6    ? ? ? 1_555 A C   13 N4 ? ? A LCG 4   A C   13  2_555 ? ? ? ? ? ? WATSON-CRICK ?     ? ? 
hydrog4  hydrog ?    ? A A   5  N1    ? ? ? 1_555 A U   12 N3 ? ? A A   5   A U   12  2_555 ? ? ? ? ? ? WATSON-CRICK ?     ? ? 
hydrog5  hydrog ?    ? A A   5  N6    ? ? ? 1_555 A U   12 O4 ? ? A A   5   A U   12  2_555 ? ? ? ? ? ? WATSON-CRICK ?     ? ? 
hydrog6  hydrog ?    ? A C   6  N3    ? ? ? 1_555 A G   11 N1 ? ? A C   6   A G   11  2_555 ? ? ? ? ? ? WATSON-CRICK ?     ? ? 
hydrog7  hydrog ?    ? A C   6  N4    ? ? ? 1_555 A G   11 O6 ? ? A C   6   A G   11  2_555 ? ? ? ? ? ? WATSON-CRICK ?     ? ? 
hydrog8  hydrog ?    ? A C   6  O2    ? ? ? 1_555 A G   11 N2 ? ? A C   6   A G   11  2_555 ? ? ? ? ? ? WATSON-CRICK ?     ? ? 
hydrog9  hydrog ?    ? A U   7  N3    ? ? ? 1_555 A A   10 N1 ? ? A U   7   A A   10  2_555 ? ? ? ? ? ? WATSON-CRICK ?     ? ? 
hydrog10 hydrog ?    ? A U   7  O4    ? ? ? 1_555 A A   10 N6 ? ? A U   7   A A   10  2_555 ? ? ? ? ? ? WATSON-CRICK ?     ? ? 
hydrog11 hydrog ?    ? A U   8  N3    ? ? ? 1_555 A A   9  N1 ? ? A U   8   A A   9   2_555 ? ? ? ? ? ? WATSON-CRICK ?     ? ? 
hydrog12 hydrog ?    ? A U   8  O4    ? ? ? 1_555 A A   9  N6 ? ? A U   8   A A   9   2_555 ? ? ? ? ? ? WATSON-CRICK ?     ? ? 
hydrog13 hydrog ?    ? A A   9  N1    ? ? ? 1_555 A U   8  N3 ? ? A A   9   A U   8   2_555 ? ? ? ? ? ? WATSON-CRICK ?     ? ? 
hydrog14 hydrog ?    ? A A   9  N6    ? ? ? 1_555 A U   8  O4 ? ? A A   9   A U   8   2_555 ? ? ? ? ? ? WATSON-CRICK ?     ? ? 
hydrog15 hydrog ?    ? A A   10 N1    ? ? ? 1_555 A U   7  N3 ? ? A A   10  A U   7   2_555 ? ? ? ? ? ? WATSON-CRICK ?     ? ? 
hydrog16 hydrog ?    ? A A   10 N6    ? ? ? 1_555 A U   7  O4 ? ? A A   10  A U   7   2_555 ? ? ? ? ? ? WATSON-CRICK ?     ? ? 
hydrog17 hydrog ?    ? A G   11 N1    ? ? ? 1_555 A C   6  N3 ? ? A G   11  A C   6   2_555 ? ? ? ? ? ? WATSON-CRICK ?     ? ? 
hydrog18 hydrog ?    ? A G   11 N2    ? ? ? 1_555 A C   6  O2 ? ? A G   11  A C   6   2_555 ? ? ? ? ? ? WATSON-CRICK ?     ? ? 
hydrog19 hydrog ?    ? A G   11 O6    ? ? ? 1_555 A C   6  N4 ? ? A G   11  A C   6   2_555 ? ? ? ? ? ? WATSON-CRICK ?     ? ? 
hydrog20 hydrog ?    ? A U   12 N3    ? ? ? 1_555 A A   5  N1 ? ? A U   12  A A   5   2_555 ? ? ? ? ? ? WATSON-CRICK ?     ? ? 
hydrog21 hydrog ?    ? A U   12 O4    ? ? ? 1_555 A A   5  N6 ? ? A U   12  A A   5   2_555 ? ? ? ? ? ? WATSON-CRICK ?     ? ? 
hydrog22 hydrog ?    ? A C   13 N3    ? ? ? 1_555 A LCG 4  N1 ? ? A C   13  A LCG 4   2_555 ? ? ? ? ? ? WATSON-CRICK ?     ? ? 
hydrog23 hydrog ?    ? A C   13 N4    ? ? ? 1_555 A LCG 4  O6 ? ? A C   13  A LCG 4   2_555 ? ? ? ? ? ? WATSON-CRICK ?     ? ? 
hydrog24 hydrog ?    ? A C   13 O2    ? ? ? 1_555 A LCG 4  N2 ? ? A C   13  A LCG 4   2_555 ? ? ? ? ? ? WATSON-CRICK ?     ? ? 
# 
loop_
_struct_conn_type.id 
_struct_conn_type.criteria 
_struct_conn_type.reference 
covale ? ? 
metalc ? ? 
hydrog ? ? 
# 
loop_
_pdbx_struct_conn_angle.id 
_pdbx_struct_conn_angle.ptnr1_label_atom_id 
_pdbx_struct_conn_angle.ptnr1_label_alt_id 
_pdbx_struct_conn_angle.ptnr1_label_asym_id 
_pdbx_struct_conn_angle.ptnr1_label_comp_id 
_pdbx_struct_conn_angle.ptnr1_label_seq_id 
_pdbx_struct_conn_angle.ptnr1_auth_atom_id 
_pdbx_struct_conn_angle.ptnr1_auth_asym_id 
_pdbx_struct_conn_angle.ptnr1_auth_comp_id 
_pdbx_struct_conn_angle.ptnr1_auth_seq_id 
_pdbx_struct_conn_angle.ptnr1_PDB_ins_code 
_pdbx_struct_conn_angle.ptnr1_symmetry 
_pdbx_struct_conn_angle.ptnr2_label_atom_id 
_pdbx_struct_conn_angle.ptnr2_label_alt_id 
_pdbx_struct_conn_angle.ptnr2_label_asym_id 
_pdbx_struct_conn_angle.ptnr2_label_comp_id 
_pdbx_struct_conn_angle.ptnr2_label_seq_id 
_pdbx_struct_conn_angle.ptnr2_auth_atom_id 
_pdbx_struct_conn_angle.ptnr2_auth_asym_id 
_pdbx_struct_conn_angle.ptnr2_auth_comp_id 
_pdbx_struct_conn_angle.ptnr2_auth_seq_id 
_pdbx_struct_conn_angle.ptnr2_PDB_ins_code 
_pdbx_struct_conn_angle.ptnr2_symmetry 
_pdbx_struct_conn_angle.ptnr3_label_atom_id 
_pdbx_struct_conn_angle.ptnr3_label_alt_id 
_pdbx_struct_conn_angle.ptnr3_label_asym_id 
_pdbx_struct_conn_angle.ptnr3_label_comp_id 
_pdbx_struct_conn_angle.ptnr3_label_seq_id 
_pdbx_struct_conn_angle.ptnr3_auth_atom_id 
_pdbx_struct_conn_angle.ptnr3_auth_asym_id 
_pdbx_struct_conn_angle.ptnr3_auth_comp_id 
_pdbx_struct_conn_angle.ptnr3_auth_seq_id 
_pdbx_struct_conn_angle.ptnr3_PDB_ins_code 
_pdbx_struct_conn_angle.ptnr3_symmetry 
_pdbx_struct_conn_angle.value 
_pdbx_struct_conn_angle.value_esd 
1  O ? E HOH . ? A HOH 211 ? 2_555 MG ? D MG . ? A MG 103 ? 1_555 O ? E HOH . ? A HOH 219 ? 2_555 89.5  ? 
2  O ? E HOH . ? A HOH 211 ? 2_555 MG ? D MG . ? A MG 103 ? 1_555 O ? E HOH . ? A HOH 220 ? 2_454 89.8  ? 
3  O ? E HOH . ? A HOH 219 ? 2_555 MG ? D MG . ? A MG 103 ? 1_555 O ? E HOH . ? A HOH 220 ? 2_454 91.1  ? 
4  O ? E HOH . ? A HOH 211 ? 2_555 MG ? D MG . ? A MG 103 ? 1_555 O ? E HOH . ? A HOH 230 ? 2_555 89.9  ? 
5  O ? E HOH . ? A HOH 219 ? 2_555 MG ? D MG . ? A MG 103 ? 1_555 O ? E HOH . ? A HOH 230 ? 2_555 88.0  ? 
6  O ? E HOH . ? A HOH 220 ? 2_454 MG ? D MG . ? A MG 103 ? 1_555 O ? E HOH . ? A HOH 230 ? 2_555 179.0 ? 
7  O ? E HOH . ? A HOH 211 ? 2_555 MG ? D MG . ? A MG 103 ? 1_555 O ? E HOH . ? A HOH 239 ? 2_555 177.7 ? 
8  O ? E HOH . ? A HOH 219 ? 2_555 MG ? D MG . ? A MG 103 ? 1_555 O ? E HOH . ? A HOH 239 ? 2_555 92.0  ? 
9  O ? E HOH . ? A HOH 220 ? 2_454 MG ? D MG . ? A MG 103 ? 1_555 O ? E HOH . ? A HOH 239 ? 2_555 88.4  ? 
10 O ? E HOH . ? A HOH 230 ? 2_555 MG ? D MG . ? A MG 103 ? 1_555 O ? E HOH . ? A HOH 239 ? 2_555 92.0  ? 
11 O ? E HOH . ? A HOH 211 ? 2_555 MG ? D MG . ? A MG 103 ? 1_555 O ? E HOH . ? A HOH 263 ? 2_454 85.2  ? 
12 O ? E HOH . ? A HOH 219 ? 2_555 MG ? D MG . ? A MG 103 ? 1_555 O ? E HOH . ? A HOH 263 ? 2_454 174.6 ? 
13 O ? E HOH . ? A HOH 220 ? 2_454 MG ? D MG . ? A MG 103 ? 1_555 O ? E HOH . ? A HOH 263 ? 2_454 89.9  ? 
14 O ? E HOH . ? A HOH 230 ? 2_555 MG ? D MG . ? A MG 103 ? 1_555 O ? E HOH . ? A HOH 263 ? 2_454 91.0  ? 
15 O ? E HOH . ? A HOH 239 ? 2_555 MG ? D MG . ? A MG 103 ? 1_555 O ? E HOH . ? A HOH 263 ? 2_454 93.3  ? 
# 
loop_
_struct_site.id 
_struct_site.pdbx_evidence_code 
_struct_site.pdbx_auth_asym_id 
_struct_site.pdbx_auth_comp_id 
_struct_site.pdbx_auth_seq_id 
_struct_site.pdbx_auth_ins_code 
_struct_site.pdbx_num_residues 
_struct_site.details 
AC1 Software A PZG 101 ? 15 'binding site for residue PZG A 101' 
AC2 Software A PZG 102 ? 14 'binding site for residue PZG A 102' 
AC3 Software A MG  103 ? 6  'binding site for residue MG A 103'  
# 
loop_
_struct_site_gen.id 
_struct_site_gen.site_id 
_struct_site_gen.pdbx_num_res 
_struct_site_gen.label_comp_id 
_struct_site_gen.label_asym_id 
_struct_site_gen.label_seq_id 
_struct_site_gen.pdbx_auth_ins_code 
_struct_site_gen.auth_comp_id 
_struct_site_gen.auth_asym_id 
_struct_site_gen.auth_seq_id 
_struct_site_gen.label_atom_id 
_struct_site_gen.label_alt_id 
_struct_site_gen.symmetry 
_struct_site_gen.details 
1  AC1 15 LCC A 1  ? LCC A 1   . ? 1_555 ? 
2  AC1 15 LCC A 3  ? LCC A 3   . ? 2_454 ? 
3  AC1 15 LCG A 4  ? LCG A 4   . ? 2_454 ? 
4  AC1 15 G   A 11 ? G   A 11  . ? 4_445 ? 
5  AC1 15 U   A 12 ? U   A 12  . ? 4_445 ? 
6  AC1 15 C   A 13 ? C   A 13  . ? 1_454 ? 
7  AC1 15 PZG C .  ? PZG A 102 . ? 1_555 ? 
8  AC1 15 HOH E .  ? HOH A 205 . ? 1_555 ? 
9  AC1 15 HOH E .  ? HOH A 211 . ? 1_454 ? 
10 AC1 15 HOH E .  ? HOH A 213 . ? 1_555 ? 
11 AC1 15 HOH E .  ? HOH A 217 . ? 1_555 ? 
12 AC1 15 HOH E .  ? HOH A 220 . ? 1_555 ? 
13 AC1 15 HOH E .  ? HOH A 226 . ? 1_555 ? 
14 AC1 15 HOH E .  ? HOH A 228 . ? 1_555 ? 
15 AC1 15 HOH E .  ? HOH A 235 . ? 1_555 ? 
16 AC2 14 LCC A 1  ? LCC A 1   . ? 1_555 ? 
17 AC2 14 LCC A 2  ? LCC A 2   . ? 2_454 ? 
18 AC2 14 LCC A 2  ? LCC A 2   . ? 1_555 ? 
19 AC2 14 LCC A 3  ? LCC A 3   . ? 2_454 ? 
20 AC2 14 U   A 7  ? U   A 7   . ? 4_444 ? 
21 AC2 14 G   A 11 ? G   A 11  . ? 4_445 ? 
22 AC2 14 G   A 11 ? G   A 11  . ? 3_444 ? 
23 AC2 14 U   A 12 ? U   A 12  . ? 3_444 ? 
24 AC2 14 U   A 12 ? U   A 12  . ? 4_445 ? 
25 AC2 14 PZG B .  ? PZG A 101 . ? 1_555 ? 
26 AC2 14 HOH E .  ? HOH A 201 . ? 1_555 ? 
27 AC2 14 HOH E .  ? HOH A 202 . ? 4_445 ? 
28 AC2 14 HOH E .  ? HOH A 214 . ? 1_555 ? 
29 AC2 14 HOH E .  ? HOH A 231 . ? 1_555 ? 
30 AC3 6  HOH E .  ? HOH A 211 . ? 2_555 ? 
31 AC3 6  HOH E .  ? HOH A 219 . ? 2_555 ? 
32 AC3 6  HOH E .  ? HOH A 220 . ? 2_454 ? 
33 AC3 6  HOH E .  ? HOH A 230 . ? 2_555 ? 
34 AC3 6  HOH E .  ? HOH A 239 . ? 2_555 ? 
35 AC3 6  HOH E .  ? HOH A 263 . ? 2_454 ? 
# 
loop_
_pdbx_validate_rmsd_bond.id 
_pdbx_validate_rmsd_bond.PDB_model_num 
_pdbx_validate_rmsd_bond.auth_atom_id_1 
_pdbx_validate_rmsd_bond.auth_asym_id_1 
_pdbx_validate_rmsd_bond.auth_comp_id_1 
_pdbx_validate_rmsd_bond.auth_seq_id_1 
_pdbx_validate_rmsd_bond.PDB_ins_code_1 
_pdbx_validate_rmsd_bond.label_alt_id_1 
_pdbx_validate_rmsd_bond.auth_atom_id_2 
_pdbx_validate_rmsd_bond.auth_asym_id_2 
_pdbx_validate_rmsd_bond.auth_comp_id_2 
_pdbx_validate_rmsd_bond.auth_seq_id_2 
_pdbx_validate_rmsd_bond.PDB_ins_code_2 
_pdbx_validate_rmsd_bond.label_alt_id_2 
_pdbx_validate_rmsd_bond.bond_value 
_pdbx_validate_rmsd_bond.bond_target_value 
_pdbx_validate_rmsd_bond.bond_deviation 
_pdbx_validate_rmsd_bond.bond_standard_deviation 
_pdbx_validate_rmsd_bond.linker_flag 
1 1 P     A A 5 ? ? OP2 A A 5 ? ? 1.360 1.485 -0.125 0.017 N 
2 1 "O3'" A C 6 ? ? P   A U 7 ? ? 1.523 1.607 -0.084 0.012 Y 
# 
loop_
_pdbx_validate_planes.id 
_pdbx_validate_planes.PDB_model_num 
_pdbx_validate_planes.auth_comp_id 
_pdbx_validate_planes.auth_asym_id 
_pdbx_validate_planes.auth_seq_id 
_pdbx_validate_planes.PDB_ins_code 
_pdbx_validate_planes.label_alt_id 
_pdbx_validate_planes.rmsd 
_pdbx_validate_planes.type 
1 1 A A 5 ? ? 0.058 'SIDE CHAIN' 
2 1 U A 7 ? ? 0.076 'SIDE CHAIN' 
# 
loop_
_pdbx_struct_special_symmetry.id 
_pdbx_struct_special_symmetry.PDB_model_num 
_pdbx_struct_special_symmetry.auth_asym_id 
_pdbx_struct_special_symmetry.auth_comp_id 
_pdbx_struct_special_symmetry.auth_seq_id 
_pdbx_struct_special_symmetry.PDB_ins_code 
_pdbx_struct_special_symmetry.label_asym_id 
_pdbx_struct_special_symmetry.label_comp_id 
_pdbx_struct_special_symmetry.label_seq_id 
1 1 A HOH 254 ? E HOH . 
2 1 A HOH 267 ? E HOH . 
# 
loop_
_chem_comp_atom.comp_id 
_chem_comp_atom.atom_id 
_chem_comp_atom.type_symbol 
_chem_comp_atom.pdbx_aromatic_flag 
_chem_comp_atom.pdbx_stereo_config 
_chem_comp_atom.pdbx_ordinal 
A   OP3    O  N N 1   
A   P      P  N N 2   
A   OP1    O  N N 3   
A   OP2    O  N N 4   
A   "O5'"  O  N N 5   
A   "C5'"  C  N N 6   
A   "C4'"  C  N R 7   
A   "O4'"  O  N N 8   
A   "C3'"  C  N S 9   
A   "O3'"  O  N N 10  
A   "C2'"  C  N R 11  
A   "O2'"  O  N N 12  
A   "C1'"  C  N R 13  
A   N9     N  Y N 14  
A   C8     C  Y N 15  
A   N7     N  Y N 16  
A   C5     C  Y N 17  
A   C6     C  Y N 18  
A   N6     N  N N 19  
A   N1     N  Y N 20  
A   C2     C  Y N 21  
A   N3     N  Y N 22  
A   C4     C  Y N 23  
A   HOP3   H  N N 24  
A   HOP2   H  N N 25  
A   "H5'"  H  N N 26  
A   "H5''" H  N N 27  
A   "H4'"  H  N N 28  
A   "H3'"  H  N N 29  
A   "HO3'" H  N N 30  
A   "H2'"  H  N N 31  
A   "HO2'" H  N N 32  
A   "H1'"  H  N N 33  
A   H8     H  N N 34  
A   H61    H  N N 35  
A   H62    H  N N 36  
A   H2     H  N N 37  
C   OP3    O  N N 38  
C   P      P  N N 39  
C   OP1    O  N N 40  
C   OP2    O  N N 41  
C   "O5'"  O  N N 42  
C   "C5'"  C  N N 43  
C   "C4'"  C  N R 44  
C   "O4'"  O  N N 45  
C   "C3'"  C  N S 46  
C   "O3'"  O  N N 47  
C   "C2'"  C  N R 48  
C   "O2'"  O  N N 49  
C   "C1'"  C  N R 50  
C   N1     N  N N 51  
C   C2     C  N N 52  
C   O2     O  N N 53  
C   N3     N  N N 54  
C   C4     C  N N 55  
C   N4     N  N N 56  
C   C5     C  N N 57  
C   C6     C  N N 58  
C   HOP3   H  N N 59  
C   HOP2   H  N N 60  
C   "H5'"  H  N N 61  
C   "H5''" H  N N 62  
C   "H4'"  H  N N 63  
C   "H3'"  H  N N 64  
C   "HO3'" H  N N 65  
C   "H2'"  H  N N 66  
C   "HO2'" H  N N 67  
C   "H1'"  H  N N 68  
C   H41    H  N N 69  
C   H42    H  N N 70  
C   H5     H  N N 71  
C   H6     H  N N 72  
G   OP3    O  N N 73  
G   P      P  N N 74  
G   OP1    O  N N 75  
G   OP2    O  N N 76  
G   "O5'"  O  N N 77  
G   "C5'"  C  N N 78  
G   "C4'"  C  N R 79  
G   "O4'"  O  N N 80  
G   "C3'"  C  N S 81  
G   "O3'"  O  N N 82  
G   "C2'"  C  N R 83  
G   "O2'"  O  N N 84  
G   "C1'"  C  N R 85  
G   N9     N  Y N 86  
G   C8     C  Y N 87  
G   N7     N  Y N 88  
G   C5     C  Y N 89  
G   C6     C  N N 90  
G   O6     O  N N 91  
G   N1     N  N N 92  
G   C2     C  N N 93  
G   N2     N  N N 94  
G   N3     N  N N 95  
G   C4     C  Y N 96  
G   HOP3   H  N N 97  
G   HOP2   H  N N 98  
G   "H5'"  H  N N 99  
G   "H5''" H  N N 100 
G   "H4'"  H  N N 101 
G   "H3'"  H  N N 102 
G   "HO3'" H  N N 103 
G   "H2'"  H  N N 104 
G   "HO2'" H  N N 105 
G   "H1'"  H  N N 106 
G   H8     H  N N 107 
G   H1     H  N N 108 
G   H21    H  N N 109 
G   H22    H  N N 110 
HOH O      O  N N 111 
HOH H1     H  N N 112 
HOH H2     H  N N 113 
LCC "O5'"  O  N N 114 
LCC "C5'"  C  N N 115 
LCC "C4'"  C  N R 116 
LCC "O4'"  O  N N 117 
LCC "C1'"  C  N R 118 
LCC N1     N  N N 119 
LCC C6     C  N N 120 
LCC C5     C  N N 121 
LCC C5M    C  N N 122 
LCC C4     C  N N 123 
LCC N4     N  N N 124 
LCC N3     N  N N 125 
LCC C2     C  N N 126 
LCC O2     O  N N 127 
LCC "C3'"  C  N S 128 
LCC "C2'"  C  N R 129 
LCC "O2'"  O  N N 130 
LCC "O3'"  O  N N 131 
LCC "C6'"  C  N N 132 
LCC P      P  N N 133 
LCC O1P    O  N N 134 
LCC O2P    O  N N 135 
LCC OXT    O  N N 136 
LCC "H5'1" H  N N 137 
LCC "H5'2" H  N N 138 
LCC "H1'"  H  N N 139 
LCC H6     H  N N 140 
LCC H5M1   H  N N 141 
LCC H5M2   H  N N 142 
LCC H5M3   H  N N 143 
LCC H41    H  N N 144 
LCC H42    H  N N 145 
LCC "H3'"  H  N N 146 
LCC "H2'1" H  N N 147 
LCC H3T    H  N N 148 
LCC "H6'1" H  N N 149 
LCC "H6'2" H  N N 150 
LCC H1P    H  N N 151 
LCC HXT    H  N N 152 
LCG P      P  N N 153 
LCG OP1    O  N N 154 
LCG "O5'"  O  N N 155 
LCG "C5'"  C  N N 156 
LCG "C3'"  C  N S 157 
LCG "C6'"  C  N N 158 
LCG N9     N  Y N 159 
LCG C8     C  Y N 160 
LCG C4     C  Y N 161 
LCG N7     N  Y N 162 
LCG C5     C  Y N 163 
LCG C6     C  N N 164 
LCG "C2'"  C  N R 165 
LCG O6     O  N N 166 
LCG "C4'"  C  N R 167 
LCG "C1'"  C  N R 168 
LCG C2     C  N N 169 
LCG N1     N  N N 170 
LCG "O4'"  O  N N 171 
LCG OP2    O  N N 172 
LCG N2     N  N N 173 
LCG N3     N  N N 174 
LCG "O2'"  O  N N 175 
LCG "O3'"  O  N N 176 
LCG OP3    O  N N 177 
LCG "H5'"  H  N N 178 
LCG "H5''" H  N N 179 
LCG "H3'"  H  N N 180 
LCG "H6'1" H  N N 181 
LCG "H6'2" H  N N 182 
LCG H8     H  N N 183 
LCG "H2'"  H  N N 184 
LCG "H1'"  H  N N 185 
LCG H1     H  N N 186 
LCG HOP2   H  N N 187 
LCG H21    H  N N 188 
LCG H22    H  N N 189 
LCG "HO3'" H  N N 190 
LCG HOP3   H  N N 191 
MG  MG     MG N N 192 
PZG O1     O  N N 193 
PZG C1     C  N N 194 
PZG N1     N  N N 195 
PZG C2     C  N N 196 
PZG N2     N  N N 197 
PZG N3     N  N N 198 
PZG C3     C  Y N 199 
PZG C4     C  Y N 200 
PZG N4     N  Y N 201 
PZG C5     C  Y N 202 
PZG N5     N  Y N 203 
PZG C6     C  N R 204 
PZG O2     O  N N 205 
PZG C7     C  N R 206 
PZG O3     O  N N 207 
PZG C8     C  N S 208 
PZG O4     O  N N 209 
PZG C9     C  N R 210 
PZG C10    C  N N 211 
PZG O5     O  N N 212 
PZG P1     P  N N 213 
PZG O6     O  N N 214 
PZG O7     O  N N 215 
PZG C11    C  Y N 216 
PZG C12    C  Y N 217 
PZG N6     N  Y N 218 
PZG N7     N  Y N 219 
PZG C13    C  Y N 220 
PZG C14    C  N N 221 
PZG H1     H  N N 222 
PZG H2     H  N N 223 
PZG H3     H  N N 224 
PZG H4     H  N N 225 
PZG H5     H  N N 226 
PZG H6     H  N N 227 
PZG H7     H  N N 228 
PZG H8     H  N N 229 
PZG H9     H  N N 230 
PZG H10    H  N N 231 
PZG H11    H  N N 232 
PZG H12    H  N N 233 
PZG H13    H  N N 234 
PZG H14    H  N N 235 
PZG H15    H  N N 236 
PZG H16    H  N N 237 
PZG H17    H  N N 238 
PZG H18    H  N N 239 
U   OP3    O  N N 240 
U   P      P  N N 241 
U   OP1    O  N N 242 
U   OP2    O  N N 243 
U   "O5'"  O  N N 244 
U   "C5'"  C  N N 245 
U   "C4'"  C  N R 246 
U   "O4'"  O  N N 247 
U   "C3'"  C  N S 248 
U   "O3'"  O  N N 249 
U   "C2'"  C  N R 250 
U   "O2'"  O  N N 251 
U   "C1'"  C  N R 252 
U   N1     N  N N 253 
U   C2     C  N N 254 
U   O2     O  N N 255 
U   N3     N  N N 256 
U   C4     C  N N 257 
U   O4     O  N N 258 
U   C5     C  N N 259 
U   C6     C  N N 260 
U   HOP3   H  N N 261 
U   HOP2   H  N N 262 
U   "H5'"  H  N N 263 
U   "H5''" H  N N 264 
U   "H4'"  H  N N 265 
U   "H3'"  H  N N 266 
U   "HO3'" H  N N 267 
U   "H2'"  H  N N 268 
U   "HO2'" H  N N 269 
U   "H1'"  H  N N 270 
U   H3     H  N N 271 
U   H5     H  N N 272 
U   H6     H  N N 273 
# 
loop_
_chem_comp_bond.comp_id 
_chem_comp_bond.atom_id_1 
_chem_comp_bond.atom_id_2 
_chem_comp_bond.value_order 
_chem_comp_bond.pdbx_aromatic_flag 
_chem_comp_bond.pdbx_stereo_config 
_chem_comp_bond.pdbx_ordinal 
A   OP3   P      sing N N 1   
A   OP3   HOP3   sing N N 2   
A   P     OP1    doub N N 3   
A   P     OP2    sing N N 4   
A   P     "O5'"  sing N N 5   
A   OP2   HOP2   sing N N 6   
A   "O5'" "C5'"  sing N N 7   
A   "C5'" "C4'"  sing N N 8   
A   "C5'" "H5'"  sing N N 9   
A   "C5'" "H5''" sing N N 10  
A   "C4'" "O4'"  sing N N 11  
A   "C4'" "C3'"  sing N N 12  
A   "C4'" "H4'"  sing N N 13  
A   "O4'" "C1'"  sing N N 14  
A   "C3'" "O3'"  sing N N 15  
A   "C3'" "C2'"  sing N N 16  
A   "C3'" "H3'"  sing N N 17  
A   "O3'" "HO3'" sing N N 18  
A   "C2'" "O2'"  sing N N 19  
A   "C2'" "C1'"  sing N N 20  
A   "C2'" "H2'"  sing N N 21  
A   "O2'" "HO2'" sing N N 22  
A   "C1'" N9     sing N N 23  
A   "C1'" "H1'"  sing N N 24  
A   N9    C8     sing Y N 25  
A   N9    C4     sing Y N 26  
A   C8    N7     doub Y N 27  
A   C8    H8     sing N N 28  
A   N7    C5     sing Y N 29  
A   C5    C6     sing Y N 30  
A   C5    C4     doub Y N 31  
A   C6    N6     sing N N 32  
A   C6    N1     doub Y N 33  
A   N6    H61    sing N N 34  
A   N6    H62    sing N N 35  
A   N1    C2     sing Y N 36  
A   C2    N3     doub Y N 37  
A   C2    H2     sing N N 38  
A   N3    C4     sing Y N 39  
C   OP3   P      sing N N 40  
C   OP3   HOP3   sing N N 41  
C   P     OP1    doub N N 42  
C   P     OP2    sing N N 43  
C   P     "O5'"  sing N N 44  
C   OP2   HOP2   sing N N 45  
C   "O5'" "C5'"  sing N N 46  
C   "C5'" "C4'"  sing N N 47  
C   "C5'" "H5'"  sing N N 48  
C   "C5'" "H5''" sing N N 49  
C   "C4'" "O4'"  sing N N 50  
C   "C4'" "C3'"  sing N N 51  
C   "C4'" "H4'"  sing N N 52  
C   "O4'" "C1'"  sing N N 53  
C   "C3'" "O3'"  sing N N 54  
C   "C3'" "C2'"  sing N N 55  
C   "C3'" "H3'"  sing N N 56  
C   "O3'" "HO3'" sing N N 57  
C   "C2'" "O2'"  sing N N 58  
C   "C2'" "C1'"  sing N N 59  
C   "C2'" "H2'"  sing N N 60  
C   "O2'" "HO2'" sing N N 61  
C   "C1'" N1     sing N N 62  
C   "C1'" "H1'"  sing N N 63  
C   N1    C2     sing N N 64  
C   N1    C6     sing N N 65  
C   C2    O2     doub N N 66  
C   C2    N3     sing N N 67  
C   N3    C4     doub N N 68  
C   C4    N4     sing N N 69  
C   C4    C5     sing N N 70  
C   N4    H41    sing N N 71  
C   N4    H42    sing N N 72  
C   C5    C6     doub N N 73  
C   C5    H5     sing N N 74  
C   C6    H6     sing N N 75  
G   OP3   P      sing N N 76  
G   OP3   HOP3   sing N N 77  
G   P     OP1    doub N N 78  
G   P     OP2    sing N N 79  
G   P     "O5'"  sing N N 80  
G   OP2   HOP2   sing N N 81  
G   "O5'" "C5'"  sing N N 82  
G   "C5'" "C4'"  sing N N 83  
G   "C5'" "H5'"  sing N N 84  
G   "C5'" "H5''" sing N N 85  
G   "C4'" "O4'"  sing N N 86  
G   "C4'" "C3'"  sing N N 87  
G   "C4'" "H4'"  sing N N 88  
G   "O4'" "C1'"  sing N N 89  
G   "C3'" "O3'"  sing N N 90  
G   "C3'" "C2'"  sing N N 91  
G   "C3'" "H3'"  sing N N 92  
G   "O3'" "HO3'" sing N N 93  
G   "C2'" "O2'"  sing N N 94  
G   "C2'" "C1'"  sing N N 95  
G   "C2'" "H2'"  sing N N 96  
G   "O2'" "HO2'" sing N N 97  
G   "C1'" N9     sing N N 98  
G   "C1'" "H1'"  sing N N 99  
G   N9    C8     sing Y N 100 
G   N9    C4     sing Y N 101 
G   C8    N7     doub Y N 102 
G   C8    H8     sing N N 103 
G   N7    C5     sing Y N 104 
G   C5    C6     sing N N 105 
G   C5    C4     doub Y N 106 
G   C6    O6     doub N N 107 
G   C6    N1     sing N N 108 
G   N1    C2     sing N N 109 
G   N1    H1     sing N N 110 
G   C2    N2     sing N N 111 
G   C2    N3     doub N N 112 
G   N2    H21    sing N N 113 
G   N2    H22    sing N N 114 
G   N3    C4     sing N N 115 
HOH O     H1     sing N N 116 
HOH O     H2     sing N N 117 
LCC "O5'" "C5'"  sing N N 118 
LCC "O5'" P      sing N N 119 
LCC "C5'" "C4'"  sing N N 120 
LCC "C5'" "H5'1" sing N N 121 
LCC "C5'" "H5'2" sing N N 122 
LCC "C4'" "O4'"  sing N N 123 
LCC "C4'" "C3'"  sing N N 124 
LCC "C4'" "C6'"  sing N N 125 
LCC "O4'" "C1'"  sing N N 126 
LCC "C1'" N1     sing N N 127 
LCC "C1'" "C2'"  sing N N 128 
LCC "C1'" "H1'"  sing N N 129 
LCC N1    C6     sing N N 130 
LCC N1    C2     sing N N 131 
LCC C6    C5     doub N N 132 
LCC C6    H6     sing N N 133 
LCC C5    C5M    sing N N 134 
LCC C5    C4     sing N N 135 
LCC C5M   H5M1   sing N N 136 
LCC C5M   H5M2   sing N N 137 
LCC C5M   H5M3   sing N N 138 
LCC C4    N4     sing N N 139 
LCC C4    N3     doub N N 140 
LCC N4    H41    sing N N 141 
LCC N4    H42    sing N N 142 
LCC N3    C2     sing N N 143 
LCC C2    O2     doub N N 144 
LCC "C3'" "C2'"  sing N N 145 
LCC "C3'" "O3'"  sing N N 146 
LCC "C3'" "H3'"  sing N N 147 
LCC "C2'" "O2'"  sing N N 148 
LCC "C2'" "H2'1" sing N N 149 
LCC "O2'" "C6'"  sing N N 150 
LCC "O3'" H3T    sing N N 151 
LCC "C6'" "H6'1" sing N N 152 
LCC "C6'" "H6'2" sing N N 153 
LCC P     O1P    sing N N 154 
LCC P     O2P    doub N N 155 
LCC P     OXT    sing N N 156 
LCC O1P   H1P    sing N N 157 
LCC OXT   HXT    sing N N 158 
LCG P     OP1    doub N N 159 
LCG P     "O5'"  sing N N 160 
LCG P     OP2    sing N N 161 
LCG P     OP3    sing N N 162 
LCG "O5'" "C5'"  sing N N 163 
LCG "C5'" "C4'"  sing N N 164 
LCG "C5'" "H5'"  sing N N 165 
LCG "C5'" "H5''" sing N N 166 
LCG "C3'" "C2'"  sing N N 167 
LCG "C3'" "C4'"  sing N N 168 
LCG "C3'" "O3'"  sing N N 169 
LCG "C3'" "H3'"  sing N N 170 
LCG "C6'" "C4'"  sing N N 171 
LCG "C6'" "O2'"  sing N N 172 
LCG "C6'" "H6'1" sing N N 173 
LCG "C6'" "H6'2" sing N N 174 
LCG N9    C8     sing Y N 175 
LCG N9    C4     sing Y N 176 
LCG N9    "C1'"  sing N N 177 
LCG C8    N7     doub Y N 178 
LCG C8    H8     sing N N 179 
LCG C4    C5     doub Y N 180 
LCG C4    N3     sing N N 181 
LCG N7    C5     sing Y N 182 
LCG C5    C6     sing N N 183 
LCG C6    O6     doub N N 184 
LCG C6    N1     sing N N 185 
LCG "C2'" "C1'"  sing N N 186 
LCG "C2'" "O2'"  sing N N 187 
LCG "C2'" "H2'"  sing N N 188 
LCG "C4'" "O4'"  sing N N 189 
LCG "C1'" "O4'"  sing N N 190 
LCG "C1'" "H1'"  sing N N 191 
LCG C2    N1     sing N N 192 
LCG C2    N2     sing N N 193 
LCG C2    N3     doub N N 194 
LCG N1    H1     sing N N 195 
LCG OP2   HOP2   sing N N 196 
LCG N2    H21    sing N N 197 
LCG N2    H22    sing N N 198 
LCG "O3'" "HO3'" sing N N 199 
LCG OP3   HOP3   sing N N 200 
PZG O4    C8     sing N N 201 
PZG C8    C9     sing N N 202 
PZG C8    C7     sing N N 203 
PZG C9    C10    sing N N 204 
PZG C9    O2     sing N N 205 
PZG C10   O5     sing N N 206 
PZG O3    C7     sing N N 207 
PZG O6    P1     doub N N 208 
PZG C12   N6     sing Y N 209 
PZG C12   C11    doub Y N 210 
PZG C7    C6     sing N N 211 
PZG N6    N7     sing Y N 212 
PZG O2    C6     sing N N 213 
PZG O5    P1     sing N N 214 
PZG C6    N5     sing N N 215 
PZG P1    C11    sing N N 216 
PZG P1    O7     sing N N 217 
PZG C11   C13    sing Y N 218 
PZG N7    C13    doub Y N 219 
PZG C13   C14    sing N N 220 
PZG N5    C3     sing Y N 221 
PZG N5    C5     sing Y N 222 
PZG N3    C3     sing N N 223 
PZG N3    C2     doub N N 224 
PZG C3    C4     doub Y N 225 
PZG C5    N4     doub Y N 226 
PZG N2    C2     sing N N 227 
PZG C2    N1     sing N N 228 
PZG C4    N4     sing Y N 229 
PZG C4    C1     sing N N 230 
PZG N1    C1     sing N N 231 
PZG C1    O1     doub N N 232 
PZG N1    H1     sing N N 233 
PZG N2    H2     sing N N 234 
PZG N2    H3     sing N N 235 
PZG C5    H4     sing N N 236 
PZG C6    H5     sing N N 237 
PZG C7    H6     sing N N 238 
PZG O3    H7     sing N N 239 
PZG C8    H8     sing N N 240 
PZG O4    H9     sing N N 241 
PZG C9    H10    sing N N 242 
PZG C10   H11    sing N N 243 
PZG C10   H12    sing N N 244 
PZG O7    H13    sing N N 245 
PZG C12   H14    sing N N 246 
PZG N6    H15    sing N N 247 
PZG C14   H16    sing N N 248 
PZG C14   H17    sing N N 249 
PZG C14   H18    sing N N 250 
U   OP3   P      sing N N 251 
U   OP3   HOP3   sing N N 252 
U   P     OP1    doub N N 253 
U   P     OP2    sing N N 254 
U   P     "O5'"  sing N N 255 
U   OP2   HOP2   sing N N 256 
U   "O5'" "C5'"  sing N N 257 
U   "C5'" "C4'"  sing N N 258 
U   "C5'" "H5'"  sing N N 259 
U   "C5'" "H5''" sing N N 260 
U   "C4'" "O4'"  sing N N 261 
U   "C4'" "C3'"  sing N N 262 
U   "C4'" "H4'"  sing N N 263 
U   "O4'" "C1'"  sing N N 264 
U   "C3'" "O3'"  sing N N 265 
U   "C3'" "C2'"  sing N N 266 
U   "C3'" "H3'"  sing N N 267 
U   "O3'" "HO3'" sing N N 268 
U   "C2'" "O2'"  sing N N 269 
U   "C2'" "C1'"  sing N N 270 
U   "C2'" "H2'"  sing N N 271 
U   "O2'" "HO2'" sing N N 272 
U   "C1'" N1     sing N N 273 
U   "C1'" "H1'"  sing N N 274 
U   N1    C2     sing N N 275 
U   N1    C6     sing N N 276 
U   C2    O2     doub N N 277 
U   C2    N3     sing N N 278 
U   N3    C4     sing N N 279 
U   N3    H3     sing N N 280 
U   C4    O4     doub N N 281 
U   C4    C5     sing N N 282 
U   C5    C6     doub N N 283 
U   C5    H5     sing N N 284 
U   C6    H6     sing N N 285 
# 
loop_
_ndb_struct_conf_na.entry_id 
_ndb_struct_conf_na.feature 
5HBY 'a-form double helix'  
5HBY 'mismatched base pair' 
# 
loop_
_ndb_struct_na_base_pair.model_number 
_ndb_struct_na_base_pair.i_label_asym_id 
_ndb_struct_na_base_pair.i_label_comp_id 
_ndb_struct_na_base_pair.i_label_seq_id 
_ndb_struct_na_base_pair.i_symmetry 
_ndb_struct_na_base_pair.j_label_asym_id 
_ndb_struct_na_base_pair.j_label_comp_id 
_ndb_struct_na_base_pair.j_label_seq_id 
_ndb_struct_na_base_pair.j_symmetry 
_ndb_struct_na_base_pair.shear 
_ndb_struct_na_base_pair.stretch 
_ndb_struct_na_base_pair.stagger 
_ndb_struct_na_base_pair.buckle 
_ndb_struct_na_base_pair.propeller 
_ndb_struct_na_base_pair.opening 
_ndb_struct_na_base_pair.pair_number 
_ndb_struct_na_base_pair.pair_name 
_ndb_struct_na_base_pair.i_auth_asym_id 
_ndb_struct_na_base_pair.i_auth_seq_id 
_ndb_struct_na_base_pair.i_PDB_ins_code 
_ndb_struct_na_base_pair.j_auth_asym_id 
_ndb_struct_na_base_pair.j_auth_seq_id 
_ndb_struct_na_base_pair.j_PDB_ins_code 
_ndb_struct_na_base_pair.hbond_type_28 
_ndb_struct_na_base_pair.hbond_type_12 
1 A LCG 4  1_555 A C   13 2_555 -0.247 -0.166 0.157  2.942  -12.686 0.386  1  A_LCG4:C13_A A 4  ? A 13 ? 19 1 
1 A A   5  1_555 A U   12 2_555 -0.124 -0.169 0.059  2.010  -16.083 4.586  2  A_A5:U12_A   A 5  ? A 12 ? 20 1 
1 A C   6  1_555 A G   11 2_555 0.195  -0.195 0.073  1.571  -20.713 0.379  3  A_C6:G11_A   A 6  ? A 11 ? 19 1 
1 A U   7  1_555 A A   10 2_555 -0.091 -0.141 0.167  -8.761 -18.460 -0.416 4  A_U7:A10_A   A 7  ? A 10 ? 20 1 
1 A U   8  1_555 A A   9  2_555 -0.044 -0.078 -0.011 -2.290 -11.369 -2.994 5  A_U8:A9_A    A 8  ? A 9  ? 20 1 
1 A A   9  1_555 A U   8  2_555 0.044  -0.078 -0.011 2.290  -11.369 -2.994 6  A_A9:U8_A    A 9  ? A 8  ? 20 1 
1 A A   10 1_555 A U   7  2_555 0.091  -0.141 0.167  8.761  -18.460 -0.416 7  A_A10:U7_A   A 10 ? A 7  ? 20 1 
1 A G   11 1_555 A C   6  2_555 -0.195 -0.195 0.073  -1.571 -20.713 0.379  8  A_G11:C6_A   A 11 ? A 6  ? 19 1 
1 A U   12 1_555 A A   5  2_555 0.124  -0.169 0.059  -2.010 -16.083 4.586  9  A_U12:A5_A   A 12 ? A 5  ? 20 1 
1 A C   13 1_555 A LCG 4  2_555 0.247  -0.166 0.157  -2.942 -12.686 0.386  10 A_C13:LCG4_A A 13 ? A 4  ? 19 1 
# 
loop_
_ndb_struct_na_base_pair_step.model_number 
_ndb_struct_na_base_pair_step.i_label_asym_id_1 
_ndb_struct_na_base_pair_step.i_label_comp_id_1 
_ndb_struct_na_base_pair_step.i_label_seq_id_1 
_ndb_struct_na_base_pair_step.i_symmetry_1 
_ndb_struct_na_base_pair_step.j_label_asym_id_1 
_ndb_struct_na_base_pair_step.j_label_comp_id_1 
_ndb_struct_na_base_pair_step.j_label_seq_id_1 
_ndb_struct_na_base_pair_step.j_symmetry_1 
_ndb_struct_na_base_pair_step.i_label_asym_id_2 
_ndb_struct_na_base_pair_step.i_label_comp_id_2 
_ndb_struct_na_base_pair_step.i_label_seq_id_2 
_ndb_struct_na_base_pair_step.i_symmetry_2 
_ndb_struct_na_base_pair_step.j_label_asym_id_2 
_ndb_struct_na_base_pair_step.j_label_comp_id_2 
_ndb_struct_na_base_pair_step.j_label_seq_id_2 
_ndb_struct_na_base_pair_step.j_symmetry_2 
_ndb_struct_na_base_pair_step.shift 
_ndb_struct_na_base_pair_step.slide 
_ndb_struct_na_base_pair_step.rise 
_ndb_struct_na_base_pair_step.tilt 
_ndb_struct_na_base_pair_step.roll 
_ndb_struct_na_base_pair_step.twist 
_ndb_struct_na_base_pair_step.x_displacement 
_ndb_struct_na_base_pair_step.y_displacement 
_ndb_struct_na_base_pair_step.helical_rise 
_ndb_struct_na_base_pair_step.inclination 
_ndb_struct_na_base_pair_step.tip 
_ndb_struct_na_base_pair_step.helical_twist 
_ndb_struct_na_base_pair_step.step_number 
_ndb_struct_na_base_pair_step.step_name 
_ndb_struct_na_base_pair_step.i_auth_asym_id_1 
_ndb_struct_na_base_pair_step.i_auth_seq_id_1 
_ndb_struct_na_base_pair_step.i_PDB_ins_code_1 
_ndb_struct_na_base_pair_step.j_auth_asym_id_1 
_ndb_struct_na_base_pair_step.j_auth_seq_id_1 
_ndb_struct_na_base_pair_step.j_PDB_ins_code_1 
_ndb_struct_na_base_pair_step.i_auth_asym_id_2 
_ndb_struct_na_base_pair_step.i_auth_seq_id_2 
_ndb_struct_na_base_pair_step.i_PDB_ins_code_2 
_ndb_struct_na_base_pair_step.j_auth_asym_id_2 
_ndb_struct_na_base_pair_step.j_auth_seq_id_2 
_ndb_struct_na_base_pair_step.j_PDB_ins_code_2 
1 A LCG 4  1_555 A C 13 2_555 A A 5  1_555 A U   12 2_555 -0.784 -2.266 3.098 -5.148 10.473 30.571 -5.582 0.630  2.315 19.015 
9.348  32.674 1 AA_LCG4A5:U12C13_AA A 4  ? A 13 ? A 5  ? A 12 ? 
1 A A   5  1_555 A U 12 2_555 A C 6  1_555 A G   11 2_555 -0.776 -1.408 3.184 -1.791 6.551  33.803 -3.334 1.049  2.905 11.126 
3.042  34.459 2 AA_A5C6:G11U12_AA   A 5  ? A 12 ? A 6  ? A 11 ? 
1 A C   6  1_555 A G 11 2_555 A U 7  1_555 A A   10 2_555 -0.467 -1.175 3.449 -1.144 11.847 30.934 -4.052 0.628  2.835 21.250 
2.052  33.092 3 AA_C6U7:A10G11_AA   A 6  ? A 11 ? A 7  ? A 10 ? 
1 A U   7  1_555 A A 10 2_555 A U 8  1_555 A A   9  2_555 -0.054 -0.670 3.040 0.712  5.416  34.618 -1.857 0.187  2.904 9.031  
-1.188 35.034 4 AA_U7U8:A9A10_AA    A 7  ? A 10 ? A 8  ? A 9  ? 
1 A U   8  1_555 A A 9  2_555 A A 9  1_555 A U   8  2_555 0.000  -1.151 3.134 0.000  11.072 31.962 -3.599 0.000  2.603 19.394 
0.000  33.779 5 AA_U8A9:U8A9_AA     A 8  ? A 9  ? A 9  ? A 8  ? 
1 A A   9  1_555 A U 8  2_555 A A 10 1_555 A U   7  2_555 0.054  -0.670 3.040 -0.712 5.416  34.618 -1.857 -0.187 2.904 9.031  
1.188  35.034 6 AA_A9A10:U7U8_AA    A 9  ? A 8  ? A 10 ? A 7  ? 
1 A A   10 1_555 A U 7  2_555 A G 11 1_555 A C   6  2_555 0.467  -1.175 3.449 1.144  11.847 30.934 -4.052 -0.628 2.835 21.250 
-2.052 33.092 7 AA_A10G11:C6U7_AA   A 10 ? A 7  ? A 11 ? A 6  ? 
1 A G   11 1_555 A C 6  2_555 A U 12 1_555 A A   5  2_555 0.776  -1.408 3.184 1.791  6.551  33.803 -3.334 -1.049 2.905 11.126 
-3.042 34.459 8 AA_G11U12:A5C6_AA   A 11 ? A 6  ? A 12 ? A 5  ? 
1 A U   12 1_555 A A 5  2_555 A C 13 1_555 A LCG 4  2_555 0.784  -2.266 3.098 5.148  10.473 30.571 -5.582 -0.630 2.315 19.015 
-9.348 32.674 9 AA_U12C13:LCG4A5_AA A 12 ? A 5  ? A 13 ? A 4  ? 
# 
_pdbx_audit_support.funding_organization   'Howard Hughes Medical Institute (HHMI)' 
_pdbx_audit_support.country                'United States' 
_pdbx_audit_support.grant_number           ? 
_pdbx_audit_support.ordinal                1 
# 
_atom_sites.entry_id                    5HBY 
_atom_sites.fract_transf_matrix[1][1]   0.00816530 
_atom_sites.fract_transf_matrix[1][2]   0.02425634 
_atom_sites.fract_transf_matrix[1][3]   0.00249075 
_atom_sites.fract_transf_matrix[2][1]   0.02838266 
_atom_sites.fract_transf_matrix[2][2]   -0.00853266 
_atom_sites.fract_transf_matrix[2][3]   -0.00994953 
_atom_sites.fract_transf_matrix[3][1]   -0.00224612 
_atom_sites.fract_transf_matrix[3][2]   0.02331142 
_atom_sites.fract_transf_matrix[3][3]   -0.02639918 
_atom_sites.fract_transf_vector[1]      -0.161443 
_atom_sites.fract_transf_vector[2]      -0.425170 
_atom_sites.fract_transf_vector[3]      -0.107428 
# 
loop_
_atom_type.symbol 
C  
MG 
N  
O  
P  
# 
loop_
_atom_site.group_PDB 
_atom_site.id 
_atom_site.type_symbol 
_atom_site.label_atom_id 
_atom_site.label_alt_id 
_atom_site.label_comp_id 
_atom_site.label_asym_id 
_atom_site.label_entity_id 
_atom_site.label_seq_id 
_atom_site.pdbx_PDB_ins_code 
_atom_site.Cartn_x 
_atom_site.Cartn_y 
_atom_site.Cartn_z 
_atom_site.occupancy 
_atom_site.B_iso_or_equiv 
_atom_site.pdbx_formal_charge 
_atom_site.auth_seq_id 
_atom_site.auth_comp_id 
_atom_site.auth_asym_id 
_atom_site.auth_atom_id 
_atom_site.pdbx_PDB_model_num 
HETATM 1   O  "O5'" . LCC A 1 1  ? -4.196  -14.994 -5.212  1.00 14.91 ? 1   LCC A "O5'" 1 
HETATM 2   C  "C5'" . LCC A 1 1  ? -5.373  -15.427 -5.895  1.00 13.50 ? 1   LCC A "C5'" 1 
HETATM 3   C  "C4'" . LCC A 1 1  ? -6.614  -15.081 -5.034  1.00 12.22 ? 1   LCC A "C4'" 1 
HETATM 4   O  "O4'" . LCC A 1 1  ? -6.527  -15.866 -3.801  1.00 11.66 ? 1   LCC A "O4'" 1 
HETATM 5   C  "C1'" . LCC A 1 1  ? -7.450  -15.222 -2.851  1.00 11.80 ? 1   LCC A "C1'" 1 
HETATM 6   N  N1    . LCC A 1 1  ? -6.730  -14.872 -1.627  1.00 10.16 ? 1   LCC A N1    1 
HETATM 7   C  C6    . LCC A 1 1  ? -5.350  -14.896 -1.522  1.00 10.73 ? 1   LCC A C6    1 
HETATM 8   C  C5    . LCC A 1 1  ? -4.746  -14.666 -0.319  1.00 11.73 ? 1   LCC A C5    1 
HETATM 9   C  C5M   . LCC A 1 1  ? -3.231  -14.658 -0.202  1.00 12.97 ? 1   LCC A C5M   1 
HETATM 10  C  C4    . LCC A 1 1  ? -5.591  -14.436 0.777   1.00 10.99 ? 1   LCC A C4    1 
HETATM 11  N  N4    . LCC A 1 1  ? -5.032  -14.192 1.979   1.00 11.28 ? 1   LCC A N4    1 
HETATM 12  N  N3    . LCC A 1 1  ? -6.906  -14.392 0.685   1.00 11.08 ? 1   LCC A N3    1 
HETATM 13  C  C2    . LCC A 1 1  ? -7.521  -14.598 -0.511  1.00 10.72 ? 1   LCC A C2    1 
HETATM 14  O  O2    . LCC A 1 1  ? -8.745  -14.533 -0.642  1.00 11.74 ? 1   LCC A O2    1 
HETATM 15  C  "C3'" . LCC A 1 1  ? -6.749  -13.686 -4.437  1.00 11.24 ? 1   LCC A "C3'" 1 
HETATM 16  C  "C2'" . LCC A 1 1  ? -7.992  -14.059 -3.677  1.00 11.37 ? 1   LCC A "C2'" 1 
HETATM 17  O  "O2'" . LCC A 1 1  ? -8.825  -14.619 -4.688  1.00 11.78 ? 1   LCC A "O2'" 1 
HETATM 18  O  "O3'" . LCC A 1 1  ? -7.009  -12.817 -5.557  1.00 12.25 ? 1   LCC A "O3'" 1 
HETATM 19  C  "C6'" . LCC A 1 1  ? -7.951  -15.354 -5.650  1.00 13.41 ? 1   LCC A "C6'" 1 
HETATM 20  O  "O5'" . LCC A 1 2  ? -7.901  -10.711 -4.385  1.00 11.52 ? 2   LCC A "O5'" 1 
HETATM 21  C  "C5'" . LCC A 1 2  ? -9.280  -10.767 -4.846  1.00 11.79 ? 2   LCC A "C5'" 1 
HETATM 22  C  "C4'" . LCC A 1 2  ? -10.072 -10.567 -3.576  1.00 9.85  ? 2   LCC A "C4'" 1 
HETATM 23  O  "O4'" . LCC A 1 2  ? -9.807  -11.591 -2.612  1.00 10.95 ? 2   LCC A "O4'" 1 
HETATM 24  C  "C1'" . LCC A 1 2  ? -10.201 -11.067 -1.297  1.00 10.94 ? 2   LCC A "C1'" 1 
HETATM 25  N  N1    . LCC A 1 2  ? -8.952  -10.991 -0.473  1.00 10.43 ? 2   LCC A N1    1 
HETATM 26  C  C6    . LCC A 1 2  ? -7.702  -11.167 -1.042  1.00 11.43 ? 2   LCC A C6    1 
HETATM 27  C  C5    . LCC A 1 2  ? -6.536  -11.090 -0.295  1.00 10.49 ? 2   LCC A C5    1 
HETATM 28  C  C5M   . LCC A 1 2  ? -5.235  -11.245 -0.885  1.00 11.32 ? 2   LCC A C5M   1 
HETATM 29  C  C4    . LCC A 1 2  ? -6.740  -10.921 1.095   1.00 10.97 ? 2   LCC A C4    1 
HETATM 30  N  N4    . LCC A 1 2  ? -5.705  -10.883 1.956   1.00 10.80 ? 2   LCC A N4    1 
HETATM 31  N  N3    . LCC A 1 2  ? -7.972  -10.740 1.593   1.00 10.57 ? 2   LCC A N3    1 
HETATM 32  C  C2    . LCC A 1 2  ? -9.083  -10.767 0.847   1.00 10.92 ? 2   LCC A C2    1 
HETATM 33  O  O2    . LCC A 1 2  ? -10.196 -10.530 1.354   1.00 11.49 ? 2   LCC A O2    1 
HETATM 34  C  "C3'" . LCC A 1 2  ? -9.798  -9.320  -2.756  1.00 10.57 ? 2   LCC A "C3'" 1 
HETATM 35  C  "C2'" . LCC A 1 2  ? -10.753 -9.738  -1.687  1.00 10.99 ? 2   LCC A "C2'" 1 
HETATM 36  O  "O2'" . LCC A 1 2  ? -11.956 -9.993  -2.372  1.00 10.96 ? 2   LCC A "O2'" 1 
HETATM 37  O  "O3'" . LCC A 1 2  ? -10.239 -8.196  -3.483  1.00 11.15 ? 2   LCC A "O3'" 1 
HETATM 38  C  "C6'" . LCC A 1 2  ? -11.596 -10.449 -3.742  1.00 11.19 ? 2   LCC A "C6'" 1 
HETATM 39  P  P     . LCC A 1 2  ? -6.735  -11.185 -5.365  1.00 12.44 ? 2   LCC A P     1 
HETATM 40  O  O1P   . LCC A 1 2  ? -6.924  -10.631 -6.742  1.00 14.02 ? 2   LCC A O1P   1 
HETATM 41  O  O2P   . LCC A 1 2  ? -5.542  -10.958 -4.630  1.00 13.32 ? 2   LCC A O2P   1 
HETATM 42  O  "O5'" . LCC A 1 3  ? -9.742  -6.300  -1.917  1.00 11.85 ? 3   LCC A "O5'" 1 
HETATM 43  C  "C5'" . LCC A 1 3  ? -11.075 -6.084  -1.446  1.00 12.18 ? 3   LCC A "C5'" 1 
HETATM 44  C  "C4'" . LCC A 1 3  ? -11.064 -5.931  0.035   1.00 11.12 ? 3   LCC A "C4'" 1 
HETATM 45  O  "O4'" . LCC A 1 3  ? -10.443 -7.090  0.648   1.00 11.60 ? 3   LCC A "O4'" 1 
HETATM 46  C  "C1'" . LCC A 1 3  ? -10.046 -6.673  1.980   1.00 11.11 ? 3   LCC A "C1'" 1 
HETATM 47  N  N1    . LCC A 1 3  ? -8.613  -6.902  2.184   1.00 9.68  ? 3   LCC A N1    1 
HETATM 48  C  C6    . LCC A 1 3  ? -7.768  -7.140  1.150   1.00 10.37 ? 3   LCC A C6    1 
HETATM 49  C  C5    . LCC A 1 3  ? -6.441  -7.345  1.368   1.00 10.19 ? 3   LCC A C5    1 
HETATM 50  C  C5M   . LCC A 1 3  ? -5.450  -7.599  0.290   1.00 10.53 ? 3   LCC A C5M   1 
HETATM 51  C  C4    . LCC A 1 3  ? -6.034  -7.310  2.748   1.00 10.21 ? 3   LCC A C4    1 
HETATM 52  N  N4    . LCC A 1 3  ? -4.735  -7.567  3.051   1.00 10.15 ? 3   LCC A N4    1 
HETATM 53  N  N3    . LCC A 1 3  ? -6.859  -7.022  3.763   1.00 10.24 ? 3   LCC A N3    1 
HETATM 54  C  C2    . LCC A 1 3  ? -8.140  -6.781  3.479   1.00 10.62 ? 3   LCC A C2    1 
HETATM 55  O  O2    . LCC A 1 3  ? -8.948  -6.499  4.372   1.00 11.88 ? 3   LCC A O2    1 
HETATM 56  C  "C3'" . LCC A 1 3  ? -10.171 -4.875  0.590   1.00 11.79 ? 3   LCC A "C3'" 1 
HETATM 57  C  "C2'" . LCC A 1 3  ? -10.488 -5.225  2.014   1.00 12.66 ? 3   LCC A "C2'" 1 
HETATM 58  O  "O2'" . LCC A 1 3  ? -11.931 -5.225  2.079   1.00 13.30 ? 3   LCC A "O2'" 1 
HETATM 59  O  "O3'" . LCC A 1 3  ? -10.769 -3.611  0.239   1.00 13.67 ? 3   LCC A "O3'" 1 
HETATM 60  C  "C6'" . LCC A 1 3  ? -12.362 -5.690  0.717   1.00 12.66 ? 3   LCC A "C6'" 1 
HETATM 61  P  P     . LCC A 1 3  ? -9.461  -6.778  -3.385  1.00 11.33 ? 3   LCC A P     1 
HETATM 62  O  O1P   . LCC A 1 3  ? -10.144 -5.937  -4.436  1.00 12.63 ? 3   LCC A O1P   1 
HETATM 63  O  O2P   . LCC A 1 3  ? -8.041  -6.990  -3.453  1.00 13.30 ? 3   LCC A O2P   1 
HETATM 64  P  P     . LCG A 1 4  ? -9.716  -2.356  -0.029  1.00 13.82 ? 4   LCG A P     1 
HETATM 65  O  OP1   . LCG A 1 4  ? -10.574 -1.140  -0.134  1.00 16.96 ? 4   LCG A OP1   1 
HETATM 66  O  "O5'" . LCG A 1 4  ? -8.970  -2.352  1.384   1.00 14.41 ? 4   LCG A "O5'" 1 
HETATM 67  C  "C5'" . LCG A 1 4  ? -7.628  -1.869  1.459   1.00 14.37 ? 4   LCG A "C5'" 1 
HETATM 68  C  "C3'" . LCG A 1 4  ? -6.056  -1.235  3.362   1.00 13.09 ? 4   LCG A "C3'" 1 
HETATM 69  C  "C6'" . LCG A 1 4  ? -8.305  -1.639  3.933   1.00 12.60 ? 4   LCG A "C6'" 1 
HETATM 70  N  N9    . LCG A 1 4  ? -4.716  -3.787  4.126   1.00 13.19 ? 4   LCG A N9    1 
HETATM 71  C  C8    . LCG A 1 4  ? -4.181  -4.258  2.972   1.00 12.59 ? 4   LCG A C8    1 
HETATM 72  C  C4    . LCG A 1 4  ? -3.776  -3.937  5.042   1.00 12.57 ? 4   LCG A C4    1 
HETATM 73  N  N7    . LCG A 1 4  ? -2.943  -4.607  3.103   1.00 14.02 ? 4   LCG A N7    1 
HETATM 74  C  C5    . LCG A 1 4  ? -2.656  -4.458  4.429   1.00 12.44 ? 4   LCG A C5    1 
HETATM 75  C  C6    . LCG A 1 4  ? -1.511  -4.724  5.154   1.00 12.34 ? 4   LCG A C6    1 
HETATM 76  C  "C2'" . LCG A 1 4  ? -6.114  -1.826  4.722   1.00 13.09 ? 4   LCG A "C2'" 1 
HETATM 77  O  O6    . LCG A 1 4  ? -0.405  -5.257  4.792   1.00 14.02 ? 4   LCG A O6    1 
HETATM 78  C  "C4'" . LCG A 1 4  ? -7.241  -1.998  2.953   1.00 12.92 ? 4   LCG A "C4'" 1 
HETATM 79  C  "C1'" . LCG A 1 4  ? -6.023  -3.305  4.393   1.00 13.29 ? 4   LCG A "C1'" 1 
HETATM 80  C  C2    . LCG A 1 4  ? -2.696  -3.824  7.040   1.00 11.73 ? 4   LCG A C2    1 
HETATM 81  N  N1    . LCG A 1 4  ? -1.596  -4.404  6.492   1.00 12.23 ? 4   LCG A N1    1 
HETATM 82  O  "O4'" . LCG A 1 4  ? -6.786  -3.369  3.173   1.00 13.59 ? 4   LCG A "O4'" 1 
HETATM 83  O  OP2   . LCG A 1 4  ? -8.797  -2.638  -1.001  1.00 14.22 ? 4   LCG A OP2   1 
HETATM 84  N  N2    . LCG A 1 4  ? -2.697  -3.506  8.323   1.00 12.24 ? 4   LCG A N2    1 
HETATM 85  N  N3    . LCG A 1 4  ? -3.849  -3.606  6.385   1.00 12.49 ? 4   LCG A N3    1 
HETATM 86  O  "O2'" . LCG A 1 4  ? -7.425  -1.557  5.223   1.00 13.93 ? 4   LCG A "O2'" 1 
HETATM 87  O  "O3'" . LCG A 1 4  ? -6.399  0.149   3.339   1.00 13.74 ? 4   LCG A "O3'" 1 
ATOM   88  P  P     . A   A 1 5  ? -5.272  1.314   3.420   1.00 14.53 ? 5   A   A P     1 
ATOM   89  O  OP1   . A   A 1 5  ? -5.973  2.600   3.240   1.00 19.01 ? 5   A   A OP1   1 
ATOM   90  O  OP2   . A   A 1 5  ? -4.211  1.016   2.624   1.00 16.12 ? 5   A   A OP2   1 
ATOM   91  O  "O5'" . A   A 1 5  ? -4.763  1.275   4.909   1.00 14.56 ? 5   A   A "O5'" 1 
ATOM   92  C  "C5'" . A   A 1 5  ? -5.608  1.642   5.963   1.00 14.65 ? 5   A   A "C5'" 1 
ATOM   93  C  "C4'" . A   A 1 5  ? -4.812  1.608   7.231   1.00 13.65 ? 5   A   A "C4'" 1 
ATOM   94  O  "O4'" . A   A 1 5  ? -4.323  0.259   7.454   1.00 14.07 ? 5   A   A "O4'" 1 
ATOM   95  C  "C3'" . A   A 1 5  ? -3.536  2.446   7.239   1.00 13.27 ? 5   A   A "C3'" 1 
ATOM   96  O  "O3'" . A   A 1 5  ? -3.829  3.813   7.477   1.00 14.69 ? 5   A   A "O3'" 1 
ATOM   97  C  "C2'" . A   A 1 5  ? -2.746  1.789   8.333   1.00 14.11 ? 5   A   A "C2'" 1 
ATOM   98  O  "O2'" . A   A 1 5  ? -3.288  2.067   9.615   1.00 16.81 ? 5   A   A "O2'" 1 
ATOM   99  C  "C1'" . A   A 1 5  ? -3.020  0.335   8.016   1.00 12.94 ? 5   A   A "C1'" 1 
ATOM   100 N  N9    . A   A 1 5  ? -2.090  -0.259  7.058   1.00 12.90 ? 5   A   A N9    1 
ATOM   101 C  C8    . A   A 1 5  ? -2.334  -0.658  5.783   1.00 12.45 ? 5   A   A C8    1 
ATOM   102 N  N7    . A   A 1 5  ? -1.324  -1.279  5.228   1.00 12.19 ? 5   A   A N7    1 
ATOM   103 C  C5    . A   A 1 5  ? -0.362  -1.322  6.222   1.00 10.84 ? 5   A   A C5    1 
ATOM   104 C  C6    . A   A 1 5  ? 0.916   -1.884  6.279   1.00 12.08 ? 5   A   A C6    1 
ATOM   105 N  N6    . A   A 1 5  ? 1.457   -2.586  5.291   1.00 12.23 ? 5   A   A N6    1 
ATOM   106 N  N1    . A   A 1 5  ? 1.620   -1.700  7.401   1.00 10.85 ? 5   A   A N1    1 
ATOM   107 C  C2    . A   A 1 5  ? 1.079   -1.004  8.396   1.00 12.24 ? 5   A   A C2    1 
ATOM   108 N  N3    . A   A 1 5  ? -0.134  -0.473  8.477   1.00 13.09 ? 5   A   A N3    1 
ATOM   109 C  C4    . A   A 1 5  ? -0.818  -0.705  7.355   1.00 12.35 ? 5   A   A C4    1 
ATOM   110 P  P     . C   A 1 6  ? -3.002  4.956   6.778   1.00 15.84 ? 6   C   A P     1 
ATOM   111 O  OP1   . C   A 1 6  ? -3.675  6.252   7.058   1.00 18.79 ? 6   C   A OP1   1 
ATOM   112 O  OP2   . C   A 1 6  ? -2.592  4.660   5.432   1.00 16.09 ? 6   C   A OP2   1 
ATOM   113 O  "O5'" . C   A 1 6  ? -1.626  4.988   7.612   1.00 15.67 ? 6   C   A "O5'" 1 
ATOM   114 C  "C5'" . C   A 1 6  ? -1.608  5.365   9.003   1.00 17.66 ? 6   C   A "C5'" 1 
ATOM   115 C  "C4'" . C   A 1 6  ? -0.258  5.109   9.549   1.00 15.55 ? 6   C   A "C4'" 1 
ATOM   116 O  "O4'" . C   A 1 6  ? -0.013  3.684   9.415   1.00 14.92 ? 6   C   A "O4'" 1 
ATOM   117 C  "C3'" . C   A 1 6  ? 0.949   5.724   8.844   1.00 15.02 ? 6   C   A "C3'" 1 
ATOM   118 O  "O3'" . C   A 1 6  ? 1.084   7.111   9.197   1.00 14.58 ? 6   C   A "O3'" 1 
ATOM   119 C  "C2'" . C   A 1 6  ? 2.049   4.824   9.349   1.00 14.45 ? 6   C   A "C2'" 1 
ATOM   120 O  "O2'" . C   A 1 6  ? 2.373   5.095   10.711  1.00 15.43 ? 6   C   A "O2'" 1 
ATOM   121 C  "C1'" . C   A 1 6  ? 1.387   3.461   9.238   1.00 13.70 ? 6   C   A "C1'" 1 
ATOM   122 N  N1    . C   A 1 6  ? 1.597   2.816   7.929   1.00 13.03 ? 6   C   A N1    1 
ATOM   123 C  C2    . C   A 1 6  ? 2.769   2.116   7.758   1.00 12.05 ? 6   C   A C2    1 
ATOM   124 O  O2    . C   A 1 6  ? 3.674   2.249   8.602   1.00 13.72 ? 6   C   A O2    1 
ATOM   125 N  N3    . C   A 1 6  ? 2.970   1.433   6.604   1.00 12.12 ? 6   C   A N3    1 
ATOM   126 C  C4    . C   A 1 6  ? 2.005   1.381   5.678   1.00 10.75 ? 6   C   A C4    1 
ATOM   127 N  N4    . C   A 1 6  ? 2.230   0.623   4.610   1.00 11.24 ? 6   C   A N4    1 
ATOM   128 C  C5    . C   A 1 6  ? 0.799   2.089   5.824   1.00 12.97 ? 6   C   A C5    1 
ATOM   129 C  C6    . C   A 1 6  ? 0.633   2.796   6.962   1.00 13.23 ? 6   C   A C6    1 
ATOM   130 P  P     . U   A 1 7  ? 1.738   8.096   8.236   1.00 15.71 ? 7   U   A P     1 
ATOM   131 O  OP1   . U   A 1 7  ? 1.572   9.463   8.851   1.00 18.31 ? 7   U   A OP1   1 
ATOM   132 O  OP2   . U   A 1 7  ? 1.312   7.838   6.837   1.00 17.92 ? 7   U   A OP2   1 
ATOM   133 O  "O5'" . U   A 1 7  ? 3.303   7.746   8.253   1.00 13.26 ? 7   U   A "O5'" 1 
ATOM   134 C  "C5'" . U   A 1 7  ? 4.084   7.903   9.454   1.00 13.97 ? 7   U   A "C5'" 1 
ATOM   135 C  "C4'" . U   A 1 7  ? 5.456   7.328   9.206   1.00 13.36 ? 7   U   A "C4'" 1 
ATOM   136 O  "O4'" . U   A 1 7  ? 5.318   5.910   8.945   1.00 12.86 ? 7   U   A "O4'" 1 
ATOM   137 C  "C3'" . U   A 1 7  ? 6.192   7.805   7.977   1.00 12.73 ? 7   U   A "C3'" 1 
ATOM   138 O  "O3'" . U   A 1 7  ? 6.748   9.119   8.264   1.00 14.40 ? 7   U   A "O3'" 1 
ATOM   139 C  "C2'" . U   A 1 7  ? 7.214   6.708   7.834   1.00 12.84 ? 7   U   A "C2'" 1 
ATOM   140 O  "O2'" . U   A 1 7  ? 8.225   6.809   8.820   1.00 14.70 ? 7   U   A "O2'" 1 
ATOM   141 C  "C1'" . U   A 1 7  ? 6.331   5.505   8.042   1.00 12.00 ? 7   U   A "C1'" 1 
ATOM   142 N  N1    . U   A 1 7  ? 5.690   4.982   6.833   1.00 11.63 ? 7   U   A N1    1 
ATOM   143 C  C2    . U   A 1 7  ? 6.475   4.204   6.006   1.00 11.25 ? 7   U   A C2    1 
ATOM   144 O  O2    . U   A 1 7  ? 7.672   4.085   6.173   1.00 12.15 ? 7   U   A O2    1 
ATOM   145 N  N3    . U   A 1 7  ? 5.813   3.607   4.957   1.00 11.06 ? 7   U   A N3    1 
ATOM   146 C  C4    . U   A 1 7  ? 4.486   3.772   4.624   1.00 11.54 ? 7   U   A C4    1 
ATOM   147 O  O4    . U   A 1 7  ? 4.020   3.119   3.680   1.00 11.55 ? 7   U   A O4    1 
ATOM   148 C  C5    . U   A 1 7  ? 3.760   4.678   5.464   1.00 12.06 ? 7   U   A C5    1 
ATOM   149 C  C6    . U   A 1 7  ? 4.381   5.260   6.503   1.00 11.09 ? 7   U   A C6    1 
ATOM   150 P  P     . U   A 1 8  ? 6.935   10.166  7.120   1.00 14.95 ? 8   U   A P     1 
ATOM   151 O  OP1   . U   A 1 8  ? 7.370   11.458  7.830   1.00 17.17 ? 8   U   A OP1   1 
ATOM   152 O  OP2   . U   A 1 8  ? 5.765   10.183  6.239   1.00 15.82 ? 8   U   A OP2   1 
ATOM   153 O  "O5'" . U   A 1 8  ? 8.164   9.634   6.244   1.00 13.96 ? 8   U   A "O5'" 1 
ATOM   154 C  "C5'" . U   A 1 8  ? 9.501   9.642   6.770   1.00 14.01 ? 8   U   A "C5'" 1 
ATOM   155 C  "C4'" . U   A 1 8  ? 10.388  8.825   5.856   1.00 11.77 ? 8   U   A "C4'" 1 
ATOM   156 O  "O4'" . U   A 1 8  ? 9.924   7.425   5.858   1.00 11.65 ? 8   U   A "O4'" 1 
ATOM   157 C  "C3'" . U   A 1 8  ? 10.382  9.164   4.394   1.00 11.17 ? 8   U   A "C3'" 1 
ATOM   158 O  "O3'" . U   A 1 8  ? 11.246  10.294  4.183   1.00 12.11 ? 8   U   A "O3'" 1 
ATOM   159 C  "C2'" . U   A 1 8  ? 10.975  7.896   3.822   1.00 11.55 ? 8   U   A "C2'" 1 
ATOM   160 O  "O2'" . U   A 1 8  ? 12.368  7.804   4.225   1.00 11.39 ? 8   U   A "O2'" 1 
ATOM   161 C  "C1'" . U   A 1 8  ? 10.151  6.851   4.568   1.00 11.07 ? 8   U   A "C1'" 1 
ATOM   162 N  N1    . U   A 1 8  ? 8.856   6.550   3.934   1.00 11.15 ? 8   U   A N1    1 
ATOM   163 C  C2    . U   A 1 8  ? 8.859   5.567   2.967   1.00 10.53 ? 8   U   A C2    1 
ATOM   164 O  O2    . U   A 1 8  ? 9.877   5.024   2.612   1.00 11.71 ? 8   U   A O2    1 
ATOM   165 N  N3    . U   A 1 8  ? 7.639   5.306   2.411   1.00 10.19 ? 8   U   A N3    1 
ATOM   166 C  C4    . U   A 1 8  ? 6.436   5.860   2.747   1.00 10.68 ? 8   U   A C4    1 
ATOM   167 O  O4    . U   A 1 8  ? 5.413   5.491   2.154   1.00 11.06 ? 8   U   A O4    1 
ATOM   168 C  C5    . U   A 1 8  ? 6.525   6.918   3.716   1.00 10.18 ? 8   U   A C5    1 
ATOM   169 C  C6    . U   A 1 8  ? 7.698   7.202   4.276   1.00 10.11 ? 8   U   A C6    1 
ATOM   170 P  P     . A   A 1 9  ? 11.042  11.197  2.879   1.00 12.82 ? 9   A   A P     1 
ATOM   171 O  OP1   . A   A 1 9  ? 11.995  12.350  3.043   1.00 15.35 ? 9   A   A OP1   1 
ATOM   172 O  OP2   . A   A 1 9  ? 9.658   11.458  2.690   1.00 14.48 ? 9   A   A OP2   1 
ATOM   173 O  "O5'" . A   A 1 9  ? 11.491  10.282  1.675   1.00 12.33 ? 9   A   A "O5'" 1 
ATOM   174 C  "C5'" . A   A 1 9  ? 12.841  9.934   1.517   1.00 11.50 ? 9   A   A "C5'" 1 
ATOM   175 C  "C4'" . A   A 1 9  ? 13.016  8.878   0.466   1.00 12.03 ? 9   A   A "C4'" 1 
ATOM   176 O  "O4'" . A   A 1 9  ? 12.204  7.706   0.758   1.00 12.34 ? 9   A   A "O4'" 1 
ATOM   177 C  "C3'" . A   A 1 9  ? 12.580  9.263   -0.933  1.00 12.53 ? 9   A   A "C3'" 1 
ATOM   178 O  "O3'" . A   A 1 9  ? 13.625  10.032  -1.584  1.00 12.40 ? 9   A   A "O3'" 1 
ATOM   179 C  "C2'" . A   A 1 9  ? 12.389  7.901   -1.557  1.00 12.21 ? 9   A   A "C2'" 1 
ATOM   180 O  "O2'" . A   A 1 9  ? 13.659  7.364   -1.867  1.00 15.00 ? 9   A   A "O2'" 1 
ATOM   181 C  "C1'" . A   A 1 9  ? 11.701  7.127   -0.457  1.00 11.73 ? 9   A   A "C1'" 1 
ATOM   182 N  N9    . A   A 1 9  ? 10.252  7.279   -0.441  1.00 11.32 ? 9   A   A N9    1 
ATOM   183 C  C8    . A   A 1 9  ? 9.475   8.076   0.337   1.00 10.93 ? 9   A   A C8    1 
ATOM   184 N  N7    . A   A 1 9  ? 8.191   7.860   0.220   1.00 11.19 ? 9   A   A N7    1 
ATOM   185 C  C5    . A   A 1 9  ? 8.108   6.848   -0.725  1.00 10.04 ? 9   A   A C5    1 
ATOM   186 C  C6    . A   A 1 9  ? 7.020   6.158   -1.269  1.00 10.45 ? 9   A   A C6    1 
ATOM   187 N  N6    . A   A 1 9  ? 5.771   6.403   -0.920  1.00 10.69 ? 9   A   A N6    1 
ATOM   188 N  N1    . A   A 1 9  ? 7.275   5.228   -2.211  1.00 10.61 ? 9   A   A N1    1 
ATOM   189 C  C2    . A   A 1 9  ? 8.528   4.989   -2.542  1.00 10.44 ? 9   A   A C2    1 
ATOM   190 N  N3    . A   A 1 9  ? 9.652   5.558   -2.081  1.00 10.75 ? 9   A   A N3    1 
ATOM   191 C  C4    . A   A 1 9  ? 9.362   6.477   -1.143  1.00 10.09 ? 9   A   A C4    1 
ATOM   192 P  P     . A   A 1 10 ? 13.275  11.103  -2.684  1.00 12.42 ? 10  A   A P     1 
ATOM   193 O  OP1   . A   A 1 10 ? 14.537  11.825  -2.936  1.00 14.29 ? 10  A   A OP1   1 
ATOM   194 O  OP2   . A   A 1 10 ? 12.104  11.831  -2.339  1.00 13.16 ? 10  A   A OP2   1 
ATOM   195 O  "O5'" . A   A 1 10 ? 12.893  10.246  -3.965  1.00 12.34 ? 10  A   A "O5'" 1 
ATOM   196 C  "C5'" . A   A 1 10 ? 13.846  9.448   -4.631  1.00 11.72 ? 10  A   A "C5'" 1 
ATOM   197 C  "C4'" . A   A 1 10 ? 13.147  8.536   -5.600  1.00 11.56 ? 10  A   A "C4'" 1 
ATOM   198 O  "O4'" . A   A 1 10 ? 12.263  7.646   -4.885  1.00 11.33 ? 10  A   A "O4'" 1 
ATOM   199 C  "C3'" . A   A 1 10 ? 12.221  9.179   -6.617  1.00 10.83 ? 10  A   A "C3'" 1 
ATOM   200 O  "O3'" . A   A 1 10 ? 12.976  9.676   -7.756  1.00 11.30 ? 10  A   A "O3'" 1 
ATOM   201 C  "C2'" . A   A 1 10 ? 11.339  8.013   -7.013  1.00 10.29 ? 10  A   A "C2'" 1 
ATOM   202 O  "O2'" . A   A 1 10 ? 12.060  7.079   -7.793  1.00 11.48 ? 10  A   A "O2'" 1 
ATOM   203 C  "C1'" . A   A 1 10 ? 11.102  7.381   -5.646  1.00 10.52 ? 10  A   A "C1'" 1 
ATOM   204 N  N9    . A   A 1 10 ? 9.968   7.937   -4.918  1.00 10.94 ? 10  A   A N9    1 
ATOM   205 C  C8    . A   A 1 10 ? 9.986   8.963   -3.999  1.00 9.97  ? 10  A   A C8    1 
ATOM   206 N  N7    . A   A 1 10 ? 8.812   9.221   -3.472  1.00 10.07 ? 10  A   A N7    1 
ATOM   207 C  C5    . A   A 1 10 ? 7.969   8.298   -4.060  1.00 10.15 ? 10  A   A C5    1 
ATOM   208 C  C6    . A   A 1 10 ? 6.593   8.051   -3.929  1.00 10.36 ? 10  A   A C6    1 
ATOM   209 N  N6    . A   A 1 10 ? 5.806   8.705   -3.091  1.00 10.80 ? 10  A   A N6    1 
ATOM   210 N  N1    . A   A 1 10 ? 6.054   7.094   -4.716  1.00 10.67 ? 10  A   A N1    1 
ATOM   211 C  C2    . A   A 1 10 ? 6.841   6.436   -5.562  1.00 10.60 ? 10  A   A C2    1 
ATOM   212 N  N3    . A   A 1 10 ? 8.143   6.557   -5.765  1.00 10.49 ? 10  A   A N3    1 
ATOM   213 C  C4    . A   A 1 10 ? 8.662   7.514   -4.971  1.00 11.09 ? 10  A   A C4    1 
ATOM   214 P  P     . G   A 1 11 ? 12.542  11.028  -8.447  1.00 12.18 ? 11  G   A P     1 
ATOM   215 O  OP1   . G   A 1 11 ? 13.565  11.301  -9.485  1.00 14.11 ? 11  G   A OP1   1 
ATOM   216 O  OP2   . G   A 1 11 ? 12.285  12.037  -7.410  1.00 13.05 ? 11  G   A OP2   1 
ATOM   217 O  "O5'" . G   A 1 11 ? 11.162  10.728  -9.135  1.00 11.58 ? 11  G   A "O5'" 1 
ATOM   218 C  "C5'" . G   A 1 11 ? 11.135  9.842   -10.258 1.00 11.88 ? 11  G   A "C5'" 1 
ATOM   219 C  "C4'" . G   A 1 11 ? 9.763   9.365   -10.561 1.00 11.35 ? 11  G   A "C4'" 1 
ATOM   220 O  "O4'" . G   A 1 11 ? 9.228   8.640   -9.398  1.00 11.47 ? 11  G   A "O4'" 1 
ATOM   221 C  "C3'" . G   A 1 11 ? 8.717   10.417  -10.786 1.00 10.91 ? 11  G   A "C3'" 1 
ATOM   222 O  "O3'" . G   A 1 11 ? 8.828   10.928  -12.136 1.00 11.34 ? 11  G   A "O3'" 1 
ATOM   223 C  "C2'" . G   A 1 11 ? 7.444   9.599   -10.553 1.00 10.74 ? 11  G   A "C2'" 1 
ATOM   224 O  "O2'" . G   A 1 11 ? 7.245   8.753   -11.653 1.00 11.94 ? 11  G   A "O2'" 1 
ATOM   225 C  "C1'" . G   A 1 11 ? 7.833   8.786   -9.322  1.00 11.06 ? 11  G   A "C1'" 1 
ATOM   226 N  N9    . G   A 1 11 ? 7.504   9.499   -8.094  1.00 11.17 ? 11  G   A N9    1 
ATOM   227 C  C8    . G   A 1 11 ? 8.274   10.318  -7.290  1.00 11.16 ? 11  G   A C8    1 
ATOM   228 N  N7    . G   A 1 11 ? 7.601   10.810  -6.278  1.00 11.03 ? 11  G   A N7    1 
ATOM   229 C  C5    . G   A 1 11 ? 6.305   10.326  -6.460  1.00 10.44 ? 11  G   A C5    1 
ATOM   230 C  C6    . G   A 1 11 ? 5.131   10.541  -5.714  1.00 10.50 ? 11  G   A C6    1 
ATOM   231 O  O6    . G   A 1 11 ? 4.965   11.239  -4.706  1.00 10.72 ? 11  G   A O6    1 
ATOM   232 N  N1    . G   A 1 11 ? 4.045   9.909   -6.287  1.00 10.35 ? 11  G   A N1    1 
ATOM   233 C  C2    . G   A 1 11 ? 4.080   9.138   -7.405  1.00 11.20 ? 11  G   A C2    1 
ATOM   234 N  N2    . G   A 1 11 ? 2.921   8.631   -7.811  1.00 12.84 ? 11  G   A N2    1 
ATOM   235 N  N3    . G   A 1 11 ? 5.171   8.909   -8.099  1.00 11.12 ? 11  G   A N3    1 
ATOM   236 C  C4    . G   A 1 11 ? 6.235   9.516   -7.569  1.00 10.12 ? 11  G   A C4    1 
ATOM   237 P  P     . U   A 1 12 ? 8.455   12.411  -12.470 1.00 10.88 ? 12  U   A P     1 
ATOM   238 O  OP1   . U   A 1 12 ? 8.736   12.577  -13.923 1.00 11.77 ? 12  U   A OP1   1 
ATOM   239 O  OP2   . U   A 1 12 ? 9.071   13.298  -11.533 1.00 11.09 ? 12  U   A OP2   1 
ATOM   240 O  "O5'" . U   A 1 12 ? 6.891   12.520  -12.219 1.00 11.49 ? 12  U   A "O5'" 1 
ATOM   241 C  "C5'" . U   A 1 12 ? 6.052   11.747  -13.098 1.00 11.72 ? 12  U   A "C5'" 1 
ATOM   242 C  "C4'" . U   A 1 12 ? 4.632   11.764  -12.531 1.00 12.40 ? 12  U   A "C4'" 1 
ATOM   243 O  "O4'" . U   A 1 12 ? 4.602   11.103  -11.267 1.00 11.98 ? 12  U   A "O4'" 1 
ATOM   244 C  "C3'" . U   A 1 12 ? 3.929   13.097  -12.258 1.00 12.92 ? 12  U   A "C3'" 1 
ATOM   245 O  "O3'" . U   A 1 12 ? 3.528   13.693  -13.495 1.00 14.52 ? 12  U   A "O3'" 1 
ATOM   246 C  "C2'" . U   A 1 12 ? 2.821   12.634  -11.313 1.00 13.36 ? 12  U   A "C2'" 1 
ATOM   247 O  "O2'" . U   A 1 12 ? 1.812   11.982  -12.101 1.00 15.83 ? 12  U   A "O2'" 1 
ATOM   248 C  "C1'" . U   A 1 12 ? 3.565   11.624  -10.473 1.00 13.31 ? 12  U   A "C1'" 1 
ATOM   249 N  N1    . U   A 1 12 ? 4.136   12.257  -9.285  1.00 11.19 ? 12  U   A N1    1 
ATOM   250 C  C2    . U   A 1 12 ? 3.229   12.521  -8.290  1.00 11.60 ? 12  U   A C2    1 
ATOM   251 O  O2    . U   A 1 12 ? 2.054   12.201  -8.378  1.00 12.78 ? 12  U   A O2    1 
ATOM   252 N  N3    . U   A 1 12 ? 3.745   13.124  -7.177  1.00 11.42 ? 12  U   A N3    1 
ATOM   253 C  C4    . U   A 1 12 ? 5.043   13.555  -6.981  1.00 11.26 ? 12  U   A C4    1 
ATOM   254 O  O4    . U   A 1 12 ? 5.375   14.057  -5.914  1.00 11.31 ? 12  U   A O4    1 
ATOM   255 C  C5    . U   A 1 12 ? 5.925   13.241  -8.072  1.00 10.74 ? 12  U   A C5    1 
ATOM   256 C  C6    . U   A 1 12 ? 5.433   12.702  -9.189  1.00 11.21 ? 12  U   A C6    1 
ATOM   257 P  P     . C   A 1 13 ? 3.455   15.234  -13.601 1.00 16.29 ? 13  C   A P     1 
ATOM   258 O  OP1   . C   A 1 13 ? 2.947   15.544  -14.970 1.00 17.43 ? 13  C   A OP1   1 
ATOM   259 O  OP2   . C   A 1 13 ? 4.663   15.845  -13.176 1.00 17.84 ? 13  C   A OP2   1 
ATOM   260 O  "O5'" . C   A 1 13 ? 2.422   15.603  -12.474 1.00 16.76 ? 13  C   A "O5'" 1 
ATOM   261 C  "C5'" . C   A 1 13 ? 1.062   15.190  -12.500 1.00 18.79 ? 13  C   A "C5'" 1 
ATOM   262 C  "C4'" . C   A 1 13 ? 0.351   15.720  -11.267 1.00 18.08 ? 13  C   A "C4'" 1 
ATOM   263 O  "O4'" . C   A 1 13 ? 1.002   15.276  -10.061 1.00 16.01 ? 13  C   A "O4'" 1 
ATOM   264 C  "C3'" . C   A 1 13 ? 0.334   17.194  -11.004 1.00 19.66 ? 13  C   A "C3'" 1 
ATOM   265 O  "O3'" . C   A 1 13 ? -0.644  17.792  -11.888 1.00 23.90 ? 13  C   A "O3'" 1 
ATOM   266 C  "C2'" . C   A 1 13 ? -0.171  17.249  -9.582  1.00 18.68 ? 13  C   A "C2'" 1 
ATOM   267 O  "O2'" . C   A 1 13 ? -1.583  16.912  -9.515  1.00 22.26 ? 13  C   A "O2'" 1 
ATOM   268 C  "C1'" . C   A 1 13 ? 0.531   16.035  -8.956  1.00 16.44 ? 13  C   A "C1'" 1 
ATOM   269 N  N1    . C   A 1 13 ? 1.672   16.324  -8.061  1.00 13.38 ? 13  C   A N1    1 
ATOM   270 C  C2    . C   A 1 13 ? 1.358   16.633  -6.741  1.00 14.29 ? 13  C   A C2    1 
ATOM   271 O  O2    . C   A 1 13 ? 0.151   16.638  -6.413  1.00 13.93 ? 13  C   A O2    1 
ATOM   272 N  N3    . C   A 1 13 ? 2.357   16.873  -5.864  1.00 12.92 ? 13  C   A N3    1 
ATOM   273 C  C4    . C   A 1 13 ? 3.626   16.894  -6.287  1.00 12.85 ? 13  C   A C4    1 
ATOM   274 N  N4    . C   A 1 13 ? 4.572   17.142  -5.384  1.00 12.99 ? 13  C   A N4    1 
ATOM   275 C  C5    . C   A 1 13 ? 3.965   16.663  -7.659  1.00 14.83 ? 13  C   A C5    1 
ATOM   276 C  C6    . C   A 1 13 ? 2.969   16.400  -8.501  1.00 14.41 ? 13  C   A C6    1 
HETATM 277 O  O1    . PZG B 2 .  ? -9.590  -18.005 -0.778  1.00 11.59 ? 101 PZG A O1    1 
HETATM 278 C  C1    . PZG B 2 .  ? -8.923  -17.776 0.252   1.00 10.17 ? 101 PZG A C1    1 
HETATM 279 N  N1    . PZG B 2 .  ? -9.636  -17.489 1.391   1.00 10.12 ? 101 PZG A N1    1 
HETATM 280 C  C2    . PZG B 2 .  ? -9.052  -17.251 2.606   1.00 10.05 ? 101 PZG A C2    1 
HETATM 281 N  N2    . PZG B 2 .  ? -9.901  -16.964 3.615   1.00 9.97  ? 101 PZG A N2    1 
HETATM 282 N  N3    . PZG B 2 .  ? -7.775  -17.298 2.827   1.00 10.01 ? 101 PZG A N3    1 
HETATM 283 C  C3    . PZG B 2 .  ? -7.056  -17.633 1.706   1.00 9.98  ? 101 PZG A C3    1 
HETATM 284 C  C4    . PZG B 2 .  ? -7.591  -17.830 0.456   1.00 9.91  ? 101 PZG A C4    1 
HETATM 285 N  N4    . PZG B 2 .  ? -6.550  -18.086 -0.428  1.00 10.73 ? 101 PZG A N4    1 
HETATM 286 C  C5    . PZG B 2 .  ? -5.481  -18.008 0.290   1.00 10.42 ? 101 PZG A C5    1 
HETATM 287 N  N5    . PZG B 2 .  ? -5.733  -17.731 1.616   1.00 10.21 ? 101 PZG A N5    1 
HETATM 288 C  C6    . PZG B 2 .  ? -4.774  -17.452 2.661   1.00 11.28 ? 101 PZG A C6    1 
HETATM 289 O  O2    . PZG B 2 .  ? -3.517  -17.128 2.027   1.00 11.92 ? 101 PZG A O2    1 
HETATM 290 C  C7    . PZG B 2 .  ? -4.557  -18.660 3.631   1.00 11.79 ? 101 PZG A C7    1 
HETATM 291 O  O3    . PZG B 2 .  ? -4.153  -18.086 4.874   1.00 12.01 ? 101 PZG A O3    1 
HETATM 292 C  C8    . PZG B 2 .  ? -3.402  -19.319 2.930   1.00 12.09 ? 101 PZG A C8    1 
HETATM 293 O  O4    . PZG B 2 .  ? -2.618  -20.139 3.805   1.00 14.95 ? 101 PZG A O4    1 
HETATM 294 C  C9    . PZG B 2 .  ? -2.558  -18.137 2.465   1.00 12.81 ? 101 PZG A C9    1 
HETATM 295 C  C10   . PZG B 2 .  ? -1.674  -18.461 1.283   1.00 13.52 ? 101 PZG A C10   1 
HETATM 296 O  O5    . PZG B 2 .  ? -2.351  -19.219 0.303   1.00 12.68 ? 101 PZG A O5    1 
HETATM 297 P  P1    . PZG B 2 .  ? -1.699  -19.567 -1.094  1.00 12.67 ? 101 PZG A P1    1 
HETATM 298 O  O6    . PZG B 2 .  ? -0.239  -19.802 -0.904  1.00 14.07 ? 101 PZG A O6    1 
HETATM 299 O  O7    . PZG B 2 .  ? -2.503  -20.658 -1.634  1.00 12.86 ? 101 PZG A O7    1 
HETATM 300 C  C11   . PZG B 2 .  ? -1.947  -18.071 -2.140  1.00 13.47 ? 101 PZG A C11   1 
HETATM 301 C  C12   . PZG B 2 .  ? -0.996  -17.110 -2.309  1.00 14.62 ? 101 PZG A C12   1 
HETATM 302 N  N6    . PZG B 2 .  ? -1.539  -16.247 -3.138  1.00 15.27 ? 101 PZG A N6    1 
HETATM 303 N  N7    . PZG B 2 .  ? -2.762  -16.589 -3.472  1.00 13.67 ? 101 PZG A N7    1 
HETATM 304 C  C13   . PZG B 2 .  ? -3.028  -17.733 -2.890  1.00 12.74 ? 101 PZG A C13   1 
HETATM 305 C  C14   . PZG B 2 .  ? -4.308  -18.452 -3.161  1.00 13.36 ? 101 PZG A C14   1 
HETATM 306 O  O1    . PZG C 2 .  ? -6.803  -13.952 4.292   1.00 11.25 ? 102 PZG A O1    1 
HETATM 307 C  C1    . PZG C 2 .  ? -8.012  -13.761 4.177   1.00 10.07 ? 102 PZG A C1    1 
HETATM 308 N  N1    . PZG C 2 .  ? -8.616  -13.858 2.968   1.00 10.30 ? 102 PZG A N1    1 
HETATM 309 C  C2    . PZG C 2 .  ? -9.967  -13.692 2.779   1.00 11.39 ? 102 PZG A C2    1 
HETATM 310 N  N2    . PZG C 2 .  ? -10.383 -13.871 1.503   1.00 11.20 ? 102 PZG A N2    1 
HETATM 311 N  N3    . PZG C 2 .  ? -10.776 -13.335 3.754   1.00 10.80 ? 102 PZG A N3    1 
HETATM 312 C  C3    . PZG C 2 .  ? -10.185 -13.177 4.943   1.00 11.31 ? 102 PZG A C3    1 
HETATM 313 C  C4    . PZG C 2 .  ? -8.860  -13.428 5.228   1.00 10.05 ? 102 PZG A C4    1 
HETATM 314 N  N4    . PZG C 2 .  ? -8.657  -13.136 6.561   1.00 10.65 ? 102 PZG A N4    1 
HETATM 315 C  C5    . PZG C 2 .  ? -9.835  -12.797 7.056   1.00 11.14 ? 102 PZG A C5    1 
HETATM 316 N  N5    . PZG C 2 .  ? -10.817 -12.821 6.117   1.00 11.87 ? 102 PZG A N5    1 
HETATM 317 C  C6    . PZG C 2 .  ? -12.225 -12.432 6.297   1.00 14.16 ? 102 PZG A C6    1 
HETATM 318 O  O2    . PZG C 2 .  ? -12.335 -11.861 7.625   1.00 14.95 ? 102 PZG A O2    1 
HETATM 319 C  C7    . PZG C 2 .  ? -13.114 -13.594 6.245   1.00 15.17 ? 102 PZG A C7    1 
HETATM 320 O  O3    . PZG C 2 .  ? -14.468 -13.081 5.814   1.00 18.35 ? 102 PZG A O3    1 
HETATM 321 C  C8    . PZG C 2 .  ? -13.304 -13.926 7.619   1.00 16.53 ? 102 PZG A C8    1 
HETATM 322 O  O4    . PZG C 2 .  ? -14.570 -14.644 7.935   1.00 17.57 ? 102 PZG A O4    1 
HETATM 323 C  C9    . PZG C 2 .  ? -13.370 -12.580 8.297   1.00 16.33 ? 102 PZG A C9    1 
HETATM 324 C  C10   . PZG C 2 .  ? -13.025 -12.811 9.799   1.00 15.59 ? 102 PZG A C10   1 
HETATM 325 O  O5    . PZG C 2 .  ? -13.564 -11.625 10.482  1.00 17.83 ? 102 PZG A O5    1 
HETATM 326 P  P1    . PZG C 2 .  ? -13.448 -11.492 12.118  1.00 18.65 ? 102 PZG A P1    1 
HETATM 327 O  O6    . PZG C 2 .  ? -14.032 -12.841 12.745  1.00 21.01 ? 102 PZG A O6    1 
HETATM 328 O  O7    . PZG C 2 .  ? -14.181 -10.203 12.496  1.00 22.88 ? 102 PZG A O7    1 
HETATM 329 C  C11   . PZG C 2 .  ? -11.700 -11.406 12.404  1.00 17.66 ? 102 PZG A C11   1 
HETATM 330 C  C12   . PZG C 2 .  ? -11.039 -12.080 13.378  1.00 17.64 ? 102 PZG A C12   1 
HETATM 331 N  N6    . PZG C 2 .  ? -9.737  -11.738 13.277  1.00 19.46 ? 102 PZG A N6    1 
HETATM 332 N  N7    . PZG C 2 .  ? -9.609  -10.834 12.178  1.00 17.06 ? 102 PZG A N7    1 
HETATM 333 C  C13   . PZG C 2 .  ? -10.779 -10.678 11.633  1.00 19.32 ? 102 PZG A C13   1 
HETATM 334 C  C14   . PZG C 2 .  ? -10.778 -9.754  10.310  1.00 22.51 ? 102 PZG A C14   1 
HETATM 335 MG MG    . MG  D 3 .  ? 6.223   -6.148  2.858   1.00 13.07 ? 103 MG  A MG    1 
HETATM 336 O  O     . HOH E 4 .  ? -16.180 -9.970  13.916  0.50 26.66 ? 201 HOH A O     1 
HETATM 337 O  O     . HOH E 4 .  ? 3.986   14.574  -17.151 1.00 18.64 ? 202 HOH A O     1 
HETATM 338 O  O     . HOH E 4 .  ? 13.278  14.036  1.526   0.50 25.35 ? 203 HOH A O     1 
HETATM 339 O  O     . HOH E 4 .  ? 5.508   16.398  -10.772 1.00 20.24 ? 204 HOH A O     1 
HETATM 340 O  O     . HOH E 4 .  ? -3.253  -19.681 6.740   1.00 29.34 ? 205 HOH A O     1 
HETATM 341 O  O     . HOH E 4 .  ? 14.091  13.916  -7.168  1.00 28.26 ? 206 HOH A O     1 
HETATM 342 O  O     . HOH E 4 .  ? 9.001   14.410  -9.155  1.00 14.81 ? 207 HOH A O     1 
HETATM 343 O  O     . HOH E 4 .  ? -5.115  5.067   3.582   0.50 25.11 ? 208 HOH A O     1 
HETATM 344 O  O     . HOH E 4 .  ? 8.522   14.644  -15.541 1.00 16.41 ? 209 HOH A O     1 
HETATM 345 O  O     . HOH E 4 .  ? 0.304   20.254  -11.673 1.00 22.56 ? 210 HOH A O     1 
HETATM 346 O  O     . HOH E 4 .  ? 7.823   15.089  -5.894  1.00 13.35 ? 211 HOH A O     1 
HETATM 347 O  O     . HOH E 4 .  ? 1.812   3.570   2.250   1.00 22.56 ? 212 HOH A O     1 
HETATM 348 O  O     . HOH E 4 .  ? 1.827   -18.668 0.384   0.50 24.71 ? 213 HOH A O     1 
HETATM 349 O  O     . HOH E 4 .  ? -16.446 -13.603 11.809  0.50 24.87 ? 214 HOH A O     1 
HETATM 350 O  O     . HOH E 4 .  ? 6.395   12.667  -2.916  1.00 16.60 ? 215 HOH A O     1 
HETATM 351 O  O     . HOH E 4 .  ? 14.174  5.262   -3.482  1.00 28.66 ? 216 HOH A O     1 
HETATM 352 O  O     . HOH E 4 .  ? -2.395  -21.090 -4.305  1.00 19.49 ? 217 HOH A O     1 
HETATM 353 O  O     . HOH E 4 .  ? 3.009   6.734   2.292   1.00 24.84 ? 218 HOH A O     1 
HETATM 354 O  O     . HOH E 4 .  ? 10.000  13.399  -6.888  1.00 13.91 ? 219 HOH A O     1 
HETATM 355 O  O     . HOH E 4 .  ? 0.718   -22.348 -0.926  1.00 14.64 ? 220 HOH A O     1 
HETATM 356 O  O     . HOH E 4 .  ? 8.527   12.411  0.407   1.00 25.32 ? 221 HOH A O     1 
HETATM 357 O  O     . HOH E 4 .  ? 0.515   14.796  -15.932 0.50 24.34 ? 222 HOH A O     1 
HETATM 358 O  O     . HOH E 4 .  ? -8.601  -4.875  6.539   1.00 14.83 ? 223 HOH A O     1 
HETATM 359 O  O     . HOH E 4 .  ? -12.944 -1.045  1.225   1.00 34.14 ? 224 HOH A O     1 
HETATM 360 O  O     . HOH E 4 .  ? -9.535  -2.068  -3.582  1.00 18.37 ? 225 HOH A O     1 
HETATM 361 O  O     . HOH E 4 .  ? -2.960  -15.630 5.194   1.00 15.07 ? 226 HOH A O     1 
HETATM 362 O  O     . HOH E 4 .  ? 12.424  4.425   1.751   1.00 16.87 ? 227 HOH A O     1 
HETATM 363 O  O     . HOH E 4 .  ? -11.782 -19.255 -1.895  1.00 17.06 ? 228 HOH A O     1 
HETATM 364 O  O     . HOH E 4 .  ? 9.411   11.183  -1.623  1.00 17.82 ? 229 HOH A O     1 
HETATM 365 O  O     . HOH E 4 .  ? 8.624   12.659  -4.479  1.00 12.68 ? 230 HOH A O     1 
HETATM 366 O  O     . HOH E 4 .  ? -16.965 -13.528 7.069   0.50 22.50 ? 231 HOH A O     1 
HETATM 367 O  O     . HOH E 4 .  ? 11.828  4.160   -3.100  1.00 21.27 ? 232 HOH A O     1 
HETATM 368 O  O     . HOH E 4 .  ? -1.004  0.263   11.031  1.00 30.77 ? 233 HOH A O     1 
HETATM 369 O  O     . HOH E 4 .  ? -5.806  -8.617  -3.034  1.00 15.61 ? 234 HOH A O     1 
HETATM 370 O  O     . HOH E 4 .  ? -7.943  -18.735 -2.932  1.00 16.90 ? 235 HOH A O     1 
HETATM 371 O  O     . HOH E 4 .  ? -0.692  -2.080  2.604   0.50 20.72 ? 236 HOH A O     1 
HETATM 372 O  O     . HOH E 4 .  ? -1.928  2.528   3.686   1.00 22.35 ? 237 HOH A O     1 
HETATM 373 O  O     . HOH E 4 .  ? 16.328  8.290   -1.620  1.00 29.82 ? 238 HOH A O     1 
HETATM 374 O  O     . HOH E 4 .  ? 11.329  13.737  -4.294  1.00 17.88 ? 239 HOH A O     1 
HETATM 375 O  O     . HOH E 4 .  ? 9.114   8.838   10.608  1.00 32.79 ? 240 HOH A O     1 
HETATM 376 O  O     . HOH E 4 .  ? 0.423   0.561   2.407   1.00 26.76 ? 241 HOH A O     1 
HETATM 377 O  O     . HOH E 4 .  ? -4.563  -2.453  10.217  1.00 19.00 ? 242 HOH A O     1 
HETATM 378 O  O     . HOH E 4 .  ? -6.961  -7.795  -7.177  0.50 29.61 ? 243 HOH A O     1 
HETATM 379 O  O     . HOH E 4 .  ? 6.893   16.825  -14.701 1.00 25.79 ? 244 HOH A O     1 
HETATM 380 O  O     . HOH E 4 .  ? 5.696   9.015   1.105   1.00 31.16 ? 245 HOH A O     1 
HETATM 381 O  O     . HOH E 4 .  ? 3.671   8.547   5.078   1.00 23.43 ? 246 HOH A O     1 
HETATM 382 O  O     . HOH E 4 .  ? 12.218  13.926  -0.323  0.50 28.13 ? 247 HOH A O     1 
HETATM 383 O  O     . HOH E 4 .  ? 0.253   5.671   5.200   1.00 23.93 ? 248 HOH A O     1 
HETATM 384 O  O     . HOH E 4 .  ? -6.992  -4.808  -1.741  1.00 21.11 ? 249 HOH A O     1 
HETATM 385 O  O     . HOH E 4 .  ? -2.814  16.730  -6.867  0.50 23.99 ? 250 HOH A O     1 
HETATM 386 O  O     . HOH E 4 .  ? -10.986 0.700   -2.433  1.00 30.68 ? 251 HOH A O     1 
HETATM 387 O  O     . HOH E 4 .  ? 5.960   10.835  -0.952  1.00 20.71 ? 252 HOH A O     1 
HETATM 388 O  O     . HOH E 4 .  ? 1.999   -4.958  2.946   1.00 22.50 ? 253 HOH A O     1 
HETATM 389 O  O     . HOH E 4 .  ? -2.263  -13.520 3.127   0.50 16.78 ? 254 HOH A O     1 
HETATM 390 O  O     . HOH E 4 .  ? 14.277  5.168   -6.544  0.50 26.52 ? 255 HOH A O     1 
HETATM 391 O  O     . HOH E 4 .  ? -7.021  -18.787 -5.540  1.00 18.11 ? 256 HOH A O     1 
HETATM 392 O  O     . HOH E 4 .  ? 5.022   18.992  -11.189 1.00 28.94 ? 257 HOH A O     1 
HETATM 393 O  O     . HOH E 4 .  ? -0.908  -19.133 -5.625  1.00 31.33 ? 258 HOH A O     1 
HETATM 394 O  O     . HOH E 4 .  ? -5.463  17.108  -9.294  1.00 31.03 ? 259 HOH A O     1 
HETATM 395 O  O     . HOH E 4 .  ? 16.486  8.261   -6.780  0.50 21.54 ? 260 HOH A O     1 
HETATM 396 O  O     . HOH E 4 .  ? 10.987  3.867   -5.777  1.00 24.97 ? 261 HOH A O     1 
HETATM 397 O  O     . HOH E 4 .  ? -4.843  -4.006  -0.268  1.00 26.91 ? 262 HOH A O     1 
HETATM 398 O  O     . HOH E 4 .  ? -0.835  -23.050 1.444   1.00 18.25 ? 263 HOH A O     1 
HETATM 399 O  O     . HOH E 4 .  ? -0.650  -16.583 6.637   1.00 28.77 ? 264 HOH A O     1 
HETATM 400 O  O     . HOH E 4 .  ? -1.092  4.172   1.321   0.50 21.54 ? 265 HOH A O     1 
HETATM 401 O  O     . HOH E 4 .  ? -3.397  -7.690  -2.566  1.00 24.87 ? 266 HOH A O     1 
HETATM 402 O  O     . HOH E 4 .  ? -0.103  -14.169 2.370   0.50 43.33 ? 267 HOH A O     1 
# 
